data_7PMM
#
_entry.id   7PMM
#
_cell.length_a   169.690
_cell.length_b   169.690
_cell.length_c   111.990
_cell.angle_alpha   90.000
_cell.angle_beta   90.000
_cell.angle_gamma   90.000
#
_symmetry.space_group_name_H-M   'P 42 21 2'
#
loop_
_entity.id
_entity.type
_entity.pdbx_description
1 polymer 'ATP-dependent RNA helicase DbpA'
2 polymer 'RNA (45mer) containing HP92 of the 23S rRNA'
3 non-polymer "ADENOSINE-5'-DIPHOSPHATE"
4 non-polymer 'BERYLLIUM TRIFLUORIDE ION'
5 non-polymer 'MAGNESIUM ION'
6 non-polymer 'PYROPHOSPHATE 2-'
7 non-polymer 'PHOSPHATE ION'
8 water water
#
loop_
_entity_poly.entity_id
_entity_poly.type
_entity_poly.pdbx_seq_one_letter_code
_entity_poly.pdbx_strand_id
1 'polypeptide(L)'
;GGMTAFSTLNVLPPAQLTNLNELGYLTMTPVQAAALPAILAGKDVRVQAKTGSGKTAAFGLGLLQQIDASLFQTQALVLC
PTRELADQVAGELRRLARFLPNTKILTLCGGQPFGMQRDSLQHAPHIIVATPGRLLDHLQKGTVSLDALNTLVMDEADRM
LDMGFSDAIDDVIRFAPASRQTLLFSATWPEAIAAISGRVQRDPLAIEIDSTDALPPIEQQFYETSSKGKIPLLQRLLSL
HQPSSCVVFCNTKKDCQAVCDALNEVGQSALSLHGDLEQRDRDQTLVRFANGSARVLVATDVAARGLDIKSLELVVNFEL
AWDPEVHVHRIGRTARAGNSGLAISFCAPEEAQRANIISDMLQIKLNWQTPPANSSIATLEAEMATLCIDGGKKAKMRPG
DVLGALTGDIGLDGADIGKIAVHPAHVYVAVRQAVAHKAWKQLQGGKIKGKTCRVRLLK
;
A,B
2 'polyribonucleotide' GGGAACCCUUCCCAAUAUGGCUGUUCGCCAUUUCGGGAAGGGUU C,D
#
# COMPACT_ATOMS: atom_id res chain seq x y z
N MET A 3 0.56 44.81 -11.01
CA MET A 3 0.86 44.25 -9.70
C MET A 3 -0.38 44.33 -8.82
N THR A 4 -0.48 43.42 -7.86
CA THR A 4 -1.67 43.31 -7.02
C THR A 4 -1.55 44.18 -5.77
N ALA A 5 -2.70 44.69 -5.33
CA ALA A 5 -2.76 45.58 -4.16
C ALA A 5 -2.17 44.92 -2.92
N PHE A 6 -2.11 43.59 -2.88
CA PHE A 6 -1.51 42.89 -1.75
C PHE A 6 -0.07 43.29 -1.51
N SER A 7 0.61 43.86 -2.53
CA SER A 7 1.97 44.33 -2.32
C SER A 7 2.05 45.39 -1.24
N THR A 8 0.96 46.15 -1.03
CA THR A 8 0.97 47.17 0.02
C THR A 8 1.10 46.57 1.40
N LEU A 9 0.85 45.27 1.56
CA LEU A 9 1.09 44.63 2.85
C LEU A 9 2.58 44.62 3.18
N ASN A 10 3.44 44.60 2.17
CA ASN A 10 4.89 44.60 2.35
C ASN A 10 5.37 43.39 3.14
N VAL A 11 4.68 42.26 3.01
CA VAL A 11 5.08 41.04 3.72
C VAL A 11 5.21 39.89 2.74
N LEU A 12 4.26 39.77 1.82
CA LEU A 12 4.15 38.57 1.00
C LEU A 12 5.31 38.50 0.00
N PRO A 13 5.86 37.31 -0.23
CA PRO A 13 6.98 37.17 -1.17
C PRO A 13 6.54 37.39 -2.61
N PRO A 14 7.49 37.69 -3.50
CA PRO A 14 7.11 37.96 -4.89
C PRO A 14 6.48 36.76 -5.58
N ALA A 15 6.84 35.54 -5.19
CA ALA A 15 6.17 34.36 -5.74
C ALA A 15 4.69 34.39 -5.40
N GLN A 16 4.35 34.69 -4.14
CA GLN A 16 2.94 34.79 -3.76
C GLN A 16 2.25 35.96 -4.44
N LEU A 17 2.96 37.08 -4.63
CA LEU A 17 2.36 38.21 -5.34
C LEU A 17 2.03 37.83 -6.78
N THR A 18 2.95 37.15 -7.46
CA THR A 18 2.69 36.69 -8.82
C THR A 18 1.55 35.67 -8.84
N ASN A 19 1.51 34.78 -7.85
CA ASN A 19 0.41 33.82 -7.78
C ASN A 19 -0.92 34.52 -7.63
N LEU A 20 -0.98 35.55 -6.79
CA LEU A 20 -2.21 36.32 -6.62
C LEU A 20 -2.60 37.02 -7.90
N ASN A 21 -1.62 37.57 -8.63
CA ASN A 21 -1.92 38.22 -9.89
C ASN A 21 -2.48 37.22 -10.90
N GLU A 22 -1.93 36.01 -10.92
CA GLU A 22 -2.43 34.98 -11.83
C GLU A 22 -3.83 34.53 -11.42
N LEU A 23 -4.11 34.41 -10.12
CA LEU A 23 -5.41 33.99 -9.65
C LEU A 23 -6.47 35.09 -9.73
N GLY A 24 -6.08 36.30 -10.10
CA GLY A 24 -7.05 37.38 -10.21
C GLY A 24 -7.35 38.12 -8.93
N TYR A 25 -6.63 37.82 -7.84
CA TYR A 25 -6.78 38.56 -6.58
C TYR A 25 -6.05 39.91 -6.73
N LEU A 26 -6.67 40.80 -7.49
CA LEU A 26 -6.03 42.07 -7.85
C LEU A 26 -6.25 43.15 -6.80
N THR A 27 -7.35 43.09 -6.06
CA THR A 27 -7.67 44.07 -5.04
C THR A 27 -8.04 43.35 -3.75
N MET A 28 -7.50 43.82 -2.64
CA MET A 28 -7.85 43.26 -1.35
C MET A 28 -9.28 43.64 -0.98
N THR A 29 -10.05 42.66 -0.53
CA THR A 29 -11.34 42.97 0.06
C THR A 29 -11.12 43.65 1.40
N PRO A 30 -12.12 44.40 1.90
CA PRO A 30 -11.94 45.11 3.17
C PRO A 30 -11.44 44.24 4.32
N VAL A 31 -11.97 43.02 4.46
CA VAL A 31 -11.53 42.16 5.55
C VAL A 31 -10.09 41.71 5.37
N GLN A 32 -9.67 41.46 4.13
CA GLN A 32 -8.27 41.11 3.89
C GLN A 32 -7.37 42.27 4.26
N ALA A 33 -7.66 43.47 3.74
CA ALA A 33 -6.89 44.66 4.09
C ALA A 33 -6.88 44.91 5.59
N ALA A 34 -7.95 44.55 6.29
CA ALA A 34 -8.11 44.88 7.70
C ALA A 34 -7.44 43.88 8.63
N ALA A 35 -7.44 42.59 8.28
CA ALA A 35 -6.94 41.57 9.18
C ALA A 35 -5.59 40.99 8.78
N LEU A 36 -5.14 41.17 7.54
CA LEU A 36 -3.90 40.50 7.15
C LEU A 36 -2.66 41.06 7.85
N PRO A 37 -2.53 42.38 8.05
CA PRO A 37 -1.39 42.86 8.88
C PRO A 37 -1.31 42.17 10.23
N ALA A 38 -2.41 42.17 10.99
CA ALA A 38 -2.38 41.60 12.33
C ALA A 38 -2.12 40.10 12.29
N ILE A 39 -2.68 39.39 11.30
CA ILE A 39 -2.46 37.95 11.23
C ILE A 39 -1.01 37.64 10.90
N LEU A 40 -0.45 38.34 9.91
CA LEU A 40 0.97 38.16 9.59
C LEU A 40 1.86 38.56 10.74
N ALA A 41 1.39 39.45 11.61
CA ALA A 41 2.12 39.81 12.82
C ALA A 41 2.03 38.75 13.91
N GLY A 42 1.23 37.70 13.70
CA GLY A 42 1.09 36.64 14.67
C GLY A 42 0.06 36.86 15.74
N LYS A 43 -0.84 37.83 15.57
CA LYS A 43 -1.83 38.15 16.58
C LYS A 43 -3.07 37.28 16.44
N ASP A 44 -3.71 36.99 17.56
CA ASP A 44 -5.03 36.38 17.56
C ASP A 44 -6.07 37.42 17.18
N VAL A 45 -7.03 37.01 16.35
CA VAL A 45 -8.07 37.91 15.88
C VAL A 45 -9.41 37.19 15.90
N ARG A 46 -10.47 37.97 16.14
CA ARG A 46 -11.85 37.55 15.90
C ARG A 46 -12.47 38.52 14.91
N VAL A 47 -12.83 38.02 13.73
CA VAL A 47 -13.22 38.84 12.59
C VAL A 47 -14.70 38.63 12.30
N GLN A 48 -15.39 39.75 12.04
CA GLN A 48 -16.78 39.76 11.61
C GLN A 48 -16.87 40.56 10.32
N ALA A 49 -16.97 39.86 9.18
CA ALA A 49 -17.18 40.49 7.89
C ALA A 49 -18.36 39.81 7.20
N LYS A 50 -18.98 40.52 6.25
CA LYS A 50 -20.20 40.02 5.64
C LYS A 50 -19.91 38.76 4.83
N THR A 51 -20.98 38.15 4.33
CA THR A 51 -20.82 36.91 3.59
C THR A 51 -20.26 37.18 2.21
N GLY A 52 -19.50 36.20 1.70
CA GLY A 52 -18.91 36.28 0.38
C GLY A 52 -18.03 37.50 0.19
N SER A 53 -17.12 37.75 1.13
CA SER A 53 -16.29 38.95 1.09
C SER A 53 -14.81 38.64 1.32
N GLY A 54 -14.41 37.38 1.29
CA GLY A 54 -13.02 37.02 1.21
C GLY A 54 -12.34 36.50 2.49
N LYS A 55 -13.10 36.07 3.49
CA LYS A 55 -12.49 35.62 4.75
C LYS A 55 -11.57 34.43 4.53
N THR A 56 -11.89 33.55 3.60
CA THR A 56 -11.05 32.38 3.36
C THR A 56 -9.64 32.81 3.00
N ALA A 57 -9.50 33.67 2.00
CA ALA A 57 -8.20 34.19 1.65
C ALA A 57 -7.61 35.03 2.77
N ALA A 58 -8.47 35.75 3.52
CA ALA A 58 -8.00 36.55 4.64
C ALA A 58 -7.18 35.73 5.61
N PHE A 59 -7.69 34.58 6.05
CA PHE A 59 -6.88 33.77 6.96
C PHE A 59 -5.93 32.83 6.24
N GLY A 60 -6.19 32.51 4.97
CA GLY A 60 -5.32 31.61 4.25
C GLY A 60 -3.98 32.21 3.90
N LEU A 61 -3.96 33.45 3.40
CA LEU A 61 -2.68 34.10 3.12
C LEU A 61 -1.85 34.21 4.38
N GLY A 62 -2.49 34.61 5.48
CA GLY A 62 -1.84 34.66 6.77
C GLY A 62 -1.19 33.35 7.17
N LEU A 63 -1.97 32.26 7.22
CA LEU A 63 -1.38 31.01 7.67
C LEU A 63 -0.36 30.47 6.68
N LEU A 64 -0.56 30.68 5.38
CA LEU A 64 0.40 30.23 4.38
C LEU A 64 1.73 30.97 4.49
N GLN A 65 1.70 32.21 4.97
CA GLN A 65 2.95 32.95 5.12
C GLN A 65 3.87 32.35 6.18
N GLN A 66 3.33 31.56 7.11
CA GLN A 66 4.10 31.00 8.21
C GLN A 66 4.38 29.50 8.04
N ILE A 67 4.42 29.03 6.80
CA ILE A 67 4.58 27.60 6.52
C ILE A 67 6.01 27.33 6.05
N ASP A 68 6.60 26.27 6.58
CA ASP A 68 7.91 25.77 6.15
C ASP A 68 7.67 24.45 5.41
N ALA A 69 7.77 24.49 4.09
CA ALA A 69 7.46 23.31 3.28
C ALA A 69 8.46 22.18 3.51
N SER A 70 9.69 22.52 3.91
CA SER A 70 10.69 21.48 4.15
C SER A 70 10.38 20.69 5.41
N LEU A 71 9.69 21.30 6.37
CA LEU A 71 9.32 20.65 7.62
C LEU A 71 7.99 19.92 7.40
N PHE A 72 8.06 18.61 7.23
CA PHE A 72 6.86 17.81 6.94
C PHE A 72 6.17 17.40 8.25
N GLN A 73 5.73 18.42 8.98
CA GLN A 73 4.84 18.28 10.12
C GLN A 73 3.71 19.28 9.96
N THR A 74 2.62 19.06 10.69
CA THR A 74 1.42 19.89 10.54
C THR A 74 1.62 21.21 11.28
N GLN A 75 1.53 22.31 10.54
CA GLN A 75 1.78 23.63 11.09
C GLN A 75 0.54 24.52 11.14
N ALA A 76 -0.49 24.22 10.34
CA ALA A 76 -1.73 25.00 10.33
C ALA A 76 -2.92 24.04 10.35
N LEU A 77 -3.92 24.39 11.15
CA LEU A 77 -5.12 23.58 11.28
C LEU A 77 -6.35 24.47 11.17
N VAL A 78 -7.24 24.15 10.23
CA VAL A 78 -8.47 24.89 10.00
C VAL A 78 -9.65 23.97 10.30
N LEU A 79 -10.60 24.45 11.08
CA LEU A 79 -11.78 23.69 11.48
C LEU A 79 -13.02 24.26 10.81
N CYS A 80 -13.79 23.38 10.17
CA CYS A 80 -15.04 23.77 9.52
C CYS A 80 -16.21 22.98 10.11
N PRO A 81 -17.44 23.50 9.98
CA PRO A 81 -18.59 22.80 10.55
C PRO A 81 -19.21 21.74 9.65
N THR A 82 -18.92 21.75 8.35
CA THR A 82 -19.45 20.74 7.43
C THR A 82 -18.36 20.23 6.50
N ARG A 83 -18.57 19.02 6.00
CA ARG A 83 -17.57 18.36 5.15
C ARG A 83 -17.37 19.09 3.83
N GLU A 84 -18.46 19.54 3.20
CA GLU A 84 -18.34 20.23 1.93
C GLU A 84 -17.58 21.53 2.10
N LEU A 85 -17.83 22.27 3.18
CA LEU A 85 -17.10 23.50 3.44
C LEU A 85 -15.63 23.23 3.73
N ALA A 86 -15.35 22.15 4.46
CA ALA A 86 -13.96 21.75 4.67
C ALA A 86 -13.25 21.54 3.33
N ASP A 87 -13.87 20.76 2.45
CA ASP A 87 -13.27 20.50 1.14
C ASP A 87 -13.09 21.80 0.35
N GLN A 88 -14.07 22.71 0.45
CA GLN A 88 -14.01 23.95 -0.32
C GLN A 88 -12.85 24.84 0.13
N VAL A 89 -12.73 25.08 1.44
CA VAL A 89 -11.64 25.95 1.88
C VAL A 89 -10.30 25.26 1.68
N ALA A 90 -10.26 23.92 1.74
CA ALA A 90 -9.02 23.24 1.43
C ALA A 90 -8.61 23.48 -0.02
N GLY A 91 -9.58 23.43 -0.95
CA GLY A 91 -9.26 23.73 -2.33
C GLY A 91 -8.78 25.15 -2.55
N GLU A 92 -9.42 26.12 -1.87
CA GLU A 92 -8.96 27.50 -2.04
C GLU A 92 -7.57 27.70 -1.45
N LEU A 93 -7.28 27.03 -0.33
CA LEU A 93 -5.94 27.13 0.24
C LEU A 93 -4.91 26.50 -0.68
N ARG A 94 -5.28 25.41 -1.36
CA ARG A 94 -4.36 24.81 -2.32
C ARG A 94 -4.10 25.75 -3.49
N ARG A 95 -5.12 26.47 -3.94
CA ARG A 95 -4.89 27.48 -4.98
C ARG A 95 -3.98 28.59 -4.48
N LEU A 96 -4.20 29.06 -3.25
CA LEU A 96 -3.37 30.13 -2.70
C LEU A 96 -1.94 29.67 -2.38
N ALA A 97 -1.71 28.36 -2.29
CA ALA A 97 -0.42 27.82 -1.90
C ALA A 97 0.46 27.45 -3.10
N ARG A 98 0.07 27.86 -4.31
CA ARG A 98 0.85 27.50 -5.49
C ARG A 98 2.22 28.14 -5.48
N PHE A 99 2.36 29.32 -4.87
CA PHE A 99 3.67 29.98 -4.81
C PHE A 99 4.68 29.14 -4.06
N LEU A 100 4.22 28.35 -3.09
CA LEU A 100 5.08 27.51 -2.27
C LEU A 100 4.94 26.06 -2.73
N PRO A 101 5.81 25.57 -3.61
CA PRO A 101 5.63 24.24 -4.19
C PRO A 101 5.78 23.14 -3.15
N ASN A 102 5.18 21.99 -3.47
CA ASN A 102 5.20 20.81 -2.60
C ASN A 102 4.61 21.10 -1.23
N THR A 103 3.49 21.83 -1.22
CA THR A 103 2.74 22.12 0.00
C THR A 103 1.58 21.15 0.06
N LYS A 104 1.61 20.25 1.05
CA LYS A 104 0.54 19.27 1.22
C LYS A 104 -0.54 19.86 2.10
N ILE A 105 -1.74 20.00 1.54
CA ILE A 105 -2.92 20.39 2.29
C ILE A 105 -3.88 19.22 2.26
N LEU A 106 -4.19 18.68 3.44
CA LEU A 106 -5.01 17.48 3.55
C LEU A 106 -6.31 17.80 4.29
N THR A 107 -7.39 17.18 3.85
CA THR A 107 -8.70 17.36 4.45
C THR A 107 -9.11 16.08 5.18
N LEU A 108 -9.67 16.27 6.39
CA LEU A 108 -10.06 15.15 7.26
C LEU A 108 -11.52 15.33 7.65
N CYS A 109 -12.38 14.51 7.03
CA CYS A 109 -13.80 14.53 7.29
C CYS A 109 -14.33 13.09 7.34
N GLY A 110 -15.55 12.95 7.84
CA GLY A 110 -16.24 11.68 7.77
C GLY A 110 -16.70 11.38 6.36
N GLY A 111 -17.25 10.19 6.18
CA GLY A 111 -17.63 9.76 4.84
C GLY A 111 -16.50 9.10 4.09
N GLN A 112 -15.32 9.72 4.10
CA GLN A 112 -14.15 9.05 3.58
C GLN A 112 -13.74 7.91 4.51
N PRO A 113 -13.20 6.82 3.96
CA PRO A 113 -12.72 5.73 4.81
C PRO A 113 -11.50 6.16 5.62
N PHE A 114 -11.43 5.65 6.86
CA PHE A 114 -10.39 6.05 7.80
C PHE A 114 -9.00 5.57 7.36
N GLY A 115 -8.94 4.43 6.67
CA GLY A 115 -7.65 3.86 6.34
C GLY A 115 -6.87 4.67 5.32
N MET A 116 -7.53 5.14 4.27
CA MET A 116 -6.86 5.96 3.27
C MET A 116 -6.29 7.22 3.90
N GLN A 117 -7.01 7.81 4.85
CA GLN A 117 -6.51 8.99 5.54
C GLN A 117 -5.34 8.65 6.45
N ARG A 118 -5.42 7.53 7.18
CA ARG A 118 -4.28 7.09 7.97
C ARG A 118 -3.04 6.91 7.11
N ASP A 119 -3.21 6.36 5.91
CA ASP A 119 -2.08 6.15 5.01
C ASP A 119 -1.53 7.49 4.51
N SER A 120 -2.42 8.40 4.11
CA SER A 120 -1.96 9.71 3.65
C SER A 120 -1.31 10.52 4.75
N LEU A 121 -1.58 10.20 6.02
CA LEU A 121 -0.99 10.93 7.13
C LEU A 121 0.42 10.46 7.49
N GLN A 122 0.90 9.35 6.90
CA GLN A 122 2.26 8.92 7.19
C GLN A 122 3.27 9.99 6.77
N HIS A 123 3.06 10.60 5.60
CA HIS A 123 3.72 11.86 5.26
C HIS A 123 2.82 12.98 5.78
N ALA A 124 3.19 13.57 6.91
CA ALA A 124 2.32 14.54 7.57
C ALA A 124 2.07 15.72 6.65
N PRO A 125 0.83 16.18 6.53
CA PRO A 125 0.55 17.35 5.70
C PRO A 125 0.86 18.65 6.43
N HIS A 126 1.30 19.64 5.65
CA HIS A 126 1.63 20.94 6.23
C HIS A 126 0.40 21.59 6.85
N ILE A 127 -0.72 21.58 6.13
CA ILE A 127 -1.96 22.18 6.58
C ILE A 127 -3.05 21.11 6.58
N ILE A 128 -3.82 21.07 7.65
CA ILE A 128 -4.97 20.19 7.77
C ILE A 128 -6.22 21.04 7.83
N VAL A 129 -7.18 20.75 6.96
CA VAL A 129 -8.53 21.30 7.05
C VAL A 129 -9.46 20.15 7.42
N ALA A 130 -10.29 20.34 8.45
CA ALA A 130 -10.95 19.19 9.03
C ALA A 130 -12.29 19.57 9.66
N THR A 131 -13.15 18.52 9.80
CA THR A 131 -14.32 18.57 10.67
C THR A 131 -13.96 18.01 12.04
N PRO A 132 -14.61 18.45 13.11
CA PRO A 132 -14.13 18.10 14.46
C PRO A 132 -14.17 16.61 14.76
N GLY A 133 -15.20 15.90 14.31
CA GLY A 133 -15.34 14.48 14.63
C GLY A 133 -14.21 13.61 14.14
N ARG A 134 -13.95 13.64 12.83
CA ARG A 134 -12.90 12.80 12.26
C ARG A 134 -11.51 13.28 12.70
N LEU A 135 -11.32 14.59 12.86
CA LEU A 135 -10.04 15.08 13.36
C LEU A 135 -9.76 14.58 14.76
N LEU A 136 -10.77 14.65 15.65
CA LEU A 136 -10.58 14.14 17.00
C LEU A 136 -10.39 12.63 17.00
N ASP A 137 -11.04 11.92 16.07
CA ASP A 137 -10.79 10.50 15.91
C ASP A 137 -9.34 10.24 15.58
N HIS A 138 -8.78 10.99 14.64
CA HIS A 138 -7.38 10.81 14.26
C HIS A 138 -6.42 11.23 15.37
N LEU A 139 -6.80 12.25 16.16
CA LEU A 139 -5.95 12.69 17.26
C LEU A 139 -5.86 11.62 18.35
N GLN A 140 -7.02 11.09 18.77
CA GLN A 140 -7.02 10.10 19.84
C GLN A 140 -6.32 8.82 19.44
N LYS A 141 -6.27 8.52 18.14
CA LYS A 141 -5.58 7.33 17.65
C LYS A 141 -4.14 7.60 17.24
N GLY A 142 -3.64 8.82 17.45
CA GLY A 142 -2.23 9.09 17.27
C GLY A 142 -1.73 9.12 15.84
N THR A 143 -2.59 9.46 14.88
CA THR A 143 -2.16 9.62 13.50
C THR A 143 -1.95 11.07 13.10
N VAL A 144 -2.30 12.01 13.97
CA VAL A 144 -2.10 13.43 13.73
C VAL A 144 -1.45 14.04 14.97
N SER A 145 -0.43 14.86 14.76
CA SER A 145 0.25 15.57 15.84
C SER A 145 0.15 17.07 15.58
N LEU A 146 -0.27 17.82 16.59
CA LEU A 146 -0.32 19.28 16.54
C LEU A 146 0.85 19.92 17.26
N ASP A 147 1.88 19.14 17.62
CA ASP A 147 2.98 19.68 18.40
C ASP A 147 3.68 20.83 17.69
N ALA A 148 3.72 20.80 16.36
CA ALA A 148 4.39 21.83 15.58
C ALA A 148 3.43 22.88 15.05
N LEU A 149 2.25 23.00 15.66
CA LEU A 149 1.19 23.86 15.11
C LEU A 149 1.52 25.32 15.37
N ASN A 150 1.63 26.09 14.29
CA ASN A 150 1.72 27.54 14.43
C ASN A 150 0.34 28.15 14.67
N THR A 151 -0.59 27.93 13.74
CA THR A 151 -1.87 28.63 13.77
C THR A 151 -3.04 27.66 13.60
N LEU A 152 -4.09 27.95 14.35
CA LEU A 152 -5.36 27.23 14.32
C LEU A 152 -6.45 28.23 13.96
N VAL A 153 -7.18 27.94 12.89
CA VAL A 153 -8.24 28.79 12.39
C VAL A 153 -9.57 28.08 12.63
N MET A 154 -10.56 28.84 13.05
CA MET A 154 -11.94 28.36 13.14
C MET A 154 -12.79 29.25 12.23
N ASP A 155 -13.13 28.69 11.07
CA ASP A 155 -14.11 29.30 10.17
C ASP A 155 -15.50 28.99 10.70
N GLU A 156 -16.44 29.89 10.41
CA GLU A 156 -17.78 29.82 10.99
C GLU A 156 -17.68 29.63 12.50
N ALA A 157 -16.90 30.50 13.13
CA ALA A 157 -16.49 30.29 14.51
C ALA A 157 -17.66 30.38 15.48
N ASP A 158 -18.68 31.18 15.16
CA ASP A 158 -19.85 31.23 16.03
C ASP A 158 -20.61 29.91 16.02
N ARG A 159 -20.50 29.15 14.91
CA ARG A 159 -21.03 27.80 14.87
C ARG A 159 -20.11 26.82 15.59
N MET A 160 -18.80 26.97 15.42
CA MET A 160 -17.87 26.06 16.07
C MET A 160 -17.85 26.21 17.57
N LEU A 161 -18.33 27.34 18.10
CA LEU A 161 -18.28 27.60 19.54
C LEU A 161 -19.65 27.50 20.20
N ASP A 162 -20.67 27.05 19.49
CA ASP A 162 -21.98 26.88 20.09
C ASP A 162 -21.96 25.66 21.02
N MET A 163 -23.11 25.38 21.63
CA MET A 163 -23.17 24.29 22.60
C MET A 163 -23.01 22.92 21.94
N GLY A 164 -23.32 22.82 20.65
CA GLY A 164 -23.22 21.53 19.98
C GLY A 164 -21.78 21.08 19.78
N PHE A 165 -20.94 21.97 19.26
CA PHE A 165 -19.54 21.66 18.98
C PHE A 165 -18.60 21.91 20.16
N SER A 166 -19.13 22.37 21.30
CA SER A 166 -18.27 22.89 22.35
C SER A 166 -17.36 21.81 22.93
N ASP A 167 -17.92 20.65 23.26
CA ASP A 167 -17.12 19.59 23.85
C ASP A 167 -16.06 19.07 22.88
N ALA A 168 -16.43 18.90 21.60
CA ALA A 168 -15.47 18.46 20.60
C ALA A 168 -14.34 19.47 20.43
N ILE A 169 -14.68 20.76 20.42
CA ILE A 169 -13.66 21.81 20.28
C ILE A 169 -12.72 21.78 21.47
N ASP A 170 -13.29 21.76 22.68
CA ASP A 170 -12.46 21.70 23.88
C ASP A 170 -11.54 20.49 23.85
N ASP A 171 -12.04 19.35 23.36
CA ASP A 171 -11.19 18.16 23.26
C ASP A 171 -10.06 18.36 22.24
N VAL A 172 -10.36 19.02 21.12
CA VAL A 172 -9.35 19.22 20.09
C VAL A 172 -8.27 20.17 20.58
N ILE A 173 -8.68 21.30 21.18
CA ILE A 173 -7.72 22.30 21.65
C ILE A 173 -6.77 21.70 22.68
N ARG A 174 -7.26 20.72 23.46
CA ARG A 174 -6.40 20.03 24.41
C ARG A 174 -5.20 19.38 23.74
N PHE A 175 -5.33 19.01 22.46
CA PHE A 175 -4.24 18.42 21.71
C PHE A 175 -3.30 19.46 21.11
N ALA A 176 -3.72 20.74 21.03
CA ALA A 176 -3.01 21.85 20.43
C ALA A 176 -2.13 22.56 21.47
N PRO A 177 -1.04 23.19 21.03
CA PRO A 177 -0.21 23.94 21.97
C PRO A 177 -0.95 25.14 22.52
N ALA A 178 -0.55 25.58 23.71
CA ALA A 178 -1.01 26.87 24.20
C ALA A 178 -0.36 28.00 23.42
N SER A 179 0.89 27.82 22.98
CA SER A 179 1.62 28.82 22.22
C SER A 179 1.25 28.69 20.75
N ARG A 180 0.06 29.18 20.43
CA ARG A 180 -0.46 29.09 19.06
C ARG A 180 -1.22 30.37 18.73
N GLN A 181 -1.23 30.71 17.45
CA GLN A 181 -2.12 31.73 16.96
C GLN A 181 -3.49 31.13 16.73
N THR A 182 -4.55 31.84 17.13
CA THR A 182 -5.91 31.32 17.04
C THR A 182 -6.80 32.36 16.37
N LEU A 183 -7.16 32.08 15.11
CA LEU A 183 -8.00 32.97 14.31
C LEU A 183 -9.44 32.50 14.35
N LEU A 184 -10.37 33.44 14.48
CA LEU A 184 -11.80 33.13 14.46
C LEU A 184 -12.47 34.00 13.41
N PHE A 185 -13.18 33.40 12.47
CA PHE A 185 -13.82 34.17 11.39
C PHE A 185 -15.29 33.83 11.28
N SER A 186 -16.13 34.86 11.14
CA SER A 186 -17.54 34.58 10.84
C SER A 186 -18.21 35.84 10.29
N ALA A 187 -19.40 35.63 9.73
CA ALA A 187 -20.26 36.72 9.29
C ALA A 187 -21.25 37.16 10.37
N THR A 188 -21.40 36.37 11.43
CA THR A 188 -22.36 36.64 12.49
C THR A 188 -21.72 36.33 13.83
N TRP A 189 -22.02 37.14 14.85
CA TRP A 189 -21.52 36.91 16.20
C TRP A 189 -22.61 37.23 17.20
N PRO A 190 -23.41 36.25 17.58
CA PRO A 190 -24.29 36.42 18.74
C PRO A 190 -23.44 36.76 19.96
N GLU A 191 -23.88 37.78 20.68
CA GLU A 191 -23.07 38.29 21.78
C GLU A 191 -22.76 37.22 22.83
N ALA A 192 -23.54 36.12 22.85
CA ALA A 192 -23.21 34.99 23.71
C ALA A 192 -21.93 34.30 23.27
N ILE A 193 -21.91 33.83 22.02
CA ILE A 193 -20.73 33.17 21.49
C ILE A 193 -19.55 34.13 21.46
N ALA A 194 -19.81 35.39 21.14
CA ALA A 194 -18.74 36.39 21.15
C ALA A 194 -18.13 36.53 22.55
N ALA A 195 -18.99 36.58 23.58
CA ALA A 195 -18.51 36.77 24.94
C ALA A 195 -17.70 35.57 25.41
N ILE A 196 -18.09 34.35 25.02
CA ILE A 196 -17.33 33.18 25.44
C ILE A 196 -16.15 32.86 24.53
N SER A 197 -16.03 33.53 23.38
CA SER A 197 -14.99 33.16 22.42
C SER A 197 -13.59 33.38 22.95
N GLY A 198 -13.44 34.17 24.02
CA GLY A 198 -12.13 34.42 24.58
C GLY A 198 -11.45 33.20 25.15
N ARG A 199 -12.21 32.14 25.45
CA ARG A 199 -11.65 30.94 26.05
C ARG A 199 -10.63 30.24 25.17
N VAL A 200 -10.65 30.51 23.86
CA VAL A 200 -9.79 29.80 22.91
C VAL A 200 -8.70 30.70 22.35
N GLN A 201 -8.65 31.97 22.73
CA GLN A 201 -7.69 32.92 22.19
C GLN A 201 -6.85 33.54 23.29
N ARG A 202 -5.74 34.15 22.87
CA ARG A 202 -4.78 34.79 23.78
C ARG A 202 -4.65 36.26 23.38
N ASP A 203 -5.34 37.14 24.11
CA ASP A 203 -5.38 38.56 23.85
C ASP A 203 -5.72 38.83 22.39
N PRO A 204 -6.97 38.68 21.99
CA PRO A 204 -7.33 38.83 20.57
C PRO A 204 -7.71 40.26 20.18
N LEU A 205 -7.54 40.54 18.89
CA LEU A 205 -8.01 41.78 18.29
C LEU A 205 -9.41 41.55 17.73
N ALA A 206 -10.35 42.40 18.13
CA ALA A 206 -11.71 42.35 17.60
C ALA A 206 -11.73 43.19 16.33
N ILE A 207 -11.98 42.55 15.19
CA ILE A 207 -12.02 43.23 13.90
C ILE A 207 -13.41 43.02 13.34
N GLU A 208 -14.33 43.92 13.72
CA GLU A 208 -15.74 43.86 13.33
C GLU A 208 -15.99 44.95 12.29
N ILE A 209 -15.60 44.68 11.05
CA ILE A 209 -15.69 45.70 10.02
C ILE A 209 -17.10 45.83 9.46
N ASP A 210 -17.91 44.79 9.52
CA ASP A 210 -19.28 44.81 9.01
C ASP A 210 -20.23 44.49 10.15
N SER A 211 -21.20 45.37 10.37
CA SER A 211 -22.19 45.13 11.41
C SER A 211 -23.13 43.98 11.00
N THR A 212 -23.98 43.58 11.95
CA THR A 212 -24.85 42.43 11.71
C THR A 212 -25.89 42.72 10.63
N ASP A 213 -26.26 43.99 10.45
CA ASP A 213 -27.29 44.39 9.50
C ASP A 213 -26.72 44.83 8.16
N ALA A 214 -25.42 44.70 7.95
CA ALA A 214 -24.76 45.17 6.73
C ALA A 214 -24.49 43.97 5.83
N LEU A 215 -25.48 43.62 5.04
CA LEU A 215 -25.42 42.47 4.15
C LEU A 215 -24.79 42.85 2.83
N PRO A 216 -24.43 41.86 2.01
CA PRO A 216 -24.12 42.15 0.60
C PRO A 216 -25.37 42.58 -0.14
N PRO A 217 -25.26 43.05 -1.40
CA PRO A 217 -26.45 43.55 -2.10
C PRO A 217 -27.48 42.46 -2.38
N ILE A 218 -28.23 42.07 -1.36
CA ILE A 218 -29.25 41.04 -1.46
C ILE A 218 -30.61 41.71 -1.38
N GLU A 219 -31.42 41.56 -2.43
CA GLU A 219 -32.82 41.94 -2.38
C GLU A 219 -33.63 40.84 -1.71
N GLN A 220 -34.36 41.19 -0.67
CA GLN A 220 -35.16 40.22 0.07
C GLN A 220 -36.64 40.47 -0.16
N GLN A 221 -37.39 39.38 -0.31
CA GLN A 221 -38.83 39.41 -0.50
C GLN A 221 -39.45 38.34 0.38
N PHE A 222 -40.59 38.66 0.99
CA PHE A 222 -41.28 37.73 1.86
C PHE A 222 -42.70 37.50 1.35
N TYR A 223 -43.14 36.24 1.40
CA TYR A 223 -44.48 35.85 0.97
C TYR A 223 -45.22 35.21 2.14
N GLU A 224 -46.40 35.74 2.44
CA GLU A 224 -47.34 35.02 3.29
C GLU A 224 -47.85 33.77 2.57
N THR A 225 -47.96 32.67 3.31
CA THR A 225 -48.49 31.44 2.74
C THR A 225 -48.75 30.44 3.84
N SER A 226 -49.82 29.66 3.69
CA SER A 226 -50.01 28.50 4.55
C SER A 226 -48.97 27.44 4.24
N SER A 227 -48.73 26.56 5.22
CA SER A 227 -47.76 25.49 5.02
C SER A 227 -48.14 24.61 3.84
N LYS A 228 -49.44 24.40 3.63
CA LYS A 228 -49.88 23.55 2.52
C LYS A 228 -49.67 24.24 1.17
N GLY A 229 -49.81 25.57 1.11
CA GLY A 229 -49.64 26.30 -0.13
C GLY A 229 -48.22 26.52 -0.58
N LYS A 230 -47.25 26.09 0.25
CA LYS A 230 -45.85 26.47 0.02
C LYS A 230 -45.29 25.83 -1.23
N ILE A 231 -45.56 24.56 -1.47
CA ILE A 231 -44.97 23.87 -2.63
C ILE A 231 -45.59 24.38 -3.93
N PRO A 232 -46.92 24.54 -4.02
CA PRO A 232 -47.47 25.25 -5.20
C PRO A 232 -46.85 26.63 -5.40
N LEU A 233 -46.72 27.42 -4.32
CA LEU A 233 -46.15 28.76 -4.45
C LEU A 233 -44.70 28.70 -4.93
N LEU A 234 -43.93 27.73 -4.43
CA LEU A 234 -42.54 27.59 -4.85
C LEU A 234 -42.44 27.23 -6.32
N GLN A 235 -43.27 26.30 -6.78
CA GLN A 235 -43.24 25.91 -8.19
C GLN A 235 -43.62 27.09 -9.08
N ARG A 236 -44.66 27.84 -8.68
CA ARG A 236 -45.04 29.02 -9.46
C ARG A 236 -43.95 30.07 -9.47
N LEU A 237 -43.26 30.27 -8.33
CA LEU A 237 -42.23 31.30 -8.28
C LEU A 237 -40.99 30.91 -9.07
N LEU A 238 -40.62 29.63 -9.01
CA LEU A 238 -39.54 29.14 -9.87
C LEU A 238 -39.89 29.34 -11.33
N SER A 239 -41.15 29.09 -11.70
CA SER A 239 -41.56 29.30 -13.09
C SER A 239 -41.54 30.77 -13.47
N LEU A 240 -41.89 31.65 -12.53
CA LEU A 240 -41.88 33.09 -12.81
C LEU A 240 -40.48 33.63 -12.97
N HIS A 241 -39.55 33.20 -12.11
CA HIS A 241 -38.21 33.79 -12.10
C HIS A 241 -37.25 33.14 -13.07
N GLN A 242 -37.41 31.84 -13.35
CA GLN A 242 -36.52 31.11 -14.25
C GLN A 242 -35.05 31.26 -13.86
N PRO A 243 -34.68 30.95 -12.61
CA PRO A 243 -33.30 31.18 -12.19
C PRO A 243 -32.36 30.18 -12.83
N SER A 244 -31.19 30.68 -13.24
CA SER A 244 -30.18 29.79 -13.78
C SER A 244 -29.73 28.78 -12.73
N SER A 245 -29.64 29.22 -11.48
CA SER A 245 -29.40 28.36 -10.33
C SER A 245 -30.17 28.91 -9.14
N CYS A 246 -30.58 28.02 -8.25
CA CYS A 246 -31.37 28.41 -7.09
C CYS A 246 -31.14 27.42 -5.96
N VAL A 247 -31.12 27.92 -4.73
CA VAL A 247 -30.99 27.09 -3.55
C VAL A 247 -32.19 27.30 -2.65
N VAL A 248 -32.88 26.22 -2.32
CA VAL A 248 -34.07 26.23 -1.47
C VAL A 248 -33.67 25.58 -0.14
N PHE A 249 -34.03 26.23 0.97
CA PHE A 249 -33.62 25.78 2.29
C PHE A 249 -34.82 25.31 3.10
N CYS A 250 -34.64 24.19 3.80
CA CYS A 250 -35.67 23.62 4.66
C CYS A 250 -35.09 23.40 6.05
N ASN A 251 -35.98 23.25 7.03
CA ASN A 251 -35.57 23.05 8.41
C ASN A 251 -35.46 21.58 8.80
N THR A 252 -35.90 20.67 7.92
CA THR A 252 -35.82 19.24 8.19
C THR A 252 -35.48 18.50 6.91
N LYS A 253 -34.81 17.36 7.06
CA LYS A 253 -34.44 16.55 5.91
C LYS A 253 -35.65 15.92 5.23
N LYS A 254 -36.69 15.60 6.00
CA LYS A 254 -37.92 15.09 5.41
C LYS A 254 -38.53 16.12 4.47
N ASP A 255 -38.70 17.35 4.94
CA ASP A 255 -39.19 18.43 4.08
C ASP A 255 -38.23 18.67 2.91
N CYS A 256 -36.92 18.56 3.15
CA CYS A 256 -35.95 18.75 2.07
C CYS A 256 -36.20 17.77 0.93
N GLN A 257 -36.26 16.48 1.23
CA GLN A 257 -36.49 15.49 0.19
C GLN A 257 -37.88 15.63 -0.43
N ALA A 258 -38.88 15.96 0.38
CA ALA A 258 -40.23 16.12 -0.16
C ALA A 258 -40.30 17.27 -1.16
N VAL A 259 -39.67 18.40 -0.84
CA VAL A 259 -39.64 19.53 -1.76
C VAL A 259 -38.87 19.18 -3.02
N CYS A 260 -37.73 18.48 -2.87
CA CYS A 260 -36.98 18.05 -4.04
C CYS A 260 -37.84 17.21 -4.97
N ASP A 261 -38.58 16.25 -4.41
CA ASP A 261 -39.40 15.37 -5.23
C ASP A 261 -40.57 16.12 -5.86
N ALA A 262 -41.21 17.01 -5.11
CA ALA A 262 -42.32 17.77 -5.66
C ALA A 262 -41.85 18.69 -6.78
N LEU A 263 -40.64 19.23 -6.67
CA LEU A 263 -40.10 20.04 -7.76
C LEU A 263 -39.78 19.17 -8.97
N ASN A 264 -39.30 17.95 -8.74
CA ASN A 264 -38.94 17.10 -9.88
C ASN A 264 -40.18 16.56 -10.59
N GLU A 265 -41.29 16.37 -9.90
CA GLU A 265 -42.46 15.84 -10.60
C GLU A 265 -43.08 16.87 -11.54
N VAL A 266 -42.77 18.15 -11.39
CA VAL A 266 -43.26 19.17 -12.32
C VAL A 266 -42.14 19.52 -13.29
N GLY A 267 -41.07 18.74 -13.25
CA GLY A 267 -40.00 18.90 -14.20
C GLY A 267 -39.05 20.04 -13.95
N GLN A 268 -38.98 20.56 -12.73
CA GLN A 268 -38.01 21.58 -12.36
C GLN A 268 -36.79 20.88 -11.78
N SER A 269 -35.69 20.86 -12.53
CA SER A 269 -34.52 20.04 -12.24
C SER A 269 -33.95 20.33 -10.87
N ALA A 270 -34.07 19.37 -9.94
CA ALA A 270 -33.72 19.60 -8.55
C ALA A 270 -32.97 18.42 -7.97
N LEU A 271 -31.94 18.72 -7.18
CA LEU A 271 -31.20 17.75 -6.38
C LEU A 271 -31.34 18.12 -4.91
N SER A 272 -31.11 17.15 -4.03
CA SER A 272 -31.26 17.34 -2.59
C SER A 272 -29.93 17.10 -1.89
N LEU A 273 -29.70 17.85 -0.81
CA LEU A 273 -28.46 17.77 -0.05
C LEU A 273 -28.79 17.85 1.43
N HIS A 274 -28.61 16.74 2.15
CA HIS A 274 -28.85 16.71 3.58
C HIS A 274 -28.00 15.60 4.19
N GLY A 275 -28.04 15.51 5.52
CA GLY A 275 -27.13 14.63 6.25
C GLY A 275 -27.40 13.15 6.09
N ASP A 276 -28.63 12.78 5.70
CA ASP A 276 -28.96 11.37 5.56
C ASP A 276 -28.39 10.76 4.28
N LEU A 277 -27.98 11.58 3.31
CA LEU A 277 -27.38 11.06 2.10
C LEU A 277 -26.01 10.47 2.40
N GLU A 278 -25.60 9.51 1.57
CA GLU A 278 -24.23 9.03 1.62
C GLU A 278 -23.28 10.13 1.19
N GLN A 279 -22.01 9.98 1.56
CA GLN A 279 -21.06 11.08 1.34
C GLN A 279 -20.72 11.23 -0.14
N ARG A 280 -20.54 10.12 -0.85
CA ARG A 280 -20.34 10.20 -2.29
C ARG A 280 -21.51 10.94 -2.94
N ASP A 281 -22.73 10.65 -2.50
CA ASP A 281 -23.90 11.32 -3.04
C ASP A 281 -23.89 12.81 -2.70
N ARG A 282 -23.49 13.17 -1.48
CA ARG A 282 -23.43 14.58 -1.11
C ARG A 282 -22.44 15.34 -1.99
N ASP A 283 -21.22 14.80 -2.12
CA ASP A 283 -20.20 15.46 -2.93
C ASP A 283 -20.65 15.58 -4.38
N GLN A 284 -21.19 14.50 -4.95
CA GLN A 284 -21.61 14.53 -6.35
C GLN A 284 -22.79 15.48 -6.56
N THR A 285 -23.71 15.54 -5.60
CA THR A 285 -24.83 16.48 -5.68
C THR A 285 -24.33 17.91 -5.72
N LEU A 286 -23.40 18.25 -4.84
CA LEU A 286 -22.87 19.60 -4.84
C LEU A 286 -22.14 19.91 -6.15
N VAL A 287 -21.36 18.94 -6.65
CA VAL A 287 -20.67 19.13 -7.93
C VAL A 287 -21.67 19.44 -9.03
N ARG A 288 -22.73 18.63 -9.13
CA ARG A 288 -23.69 18.78 -10.21
C ARG A 288 -24.45 20.10 -10.11
N PHE A 289 -24.86 20.50 -8.91
CA PHE A 289 -25.54 21.78 -8.81
C PHE A 289 -24.60 22.93 -9.16
N ALA A 290 -23.33 22.83 -8.77
CA ALA A 290 -22.42 23.94 -9.00
C ALA A 290 -22.09 24.11 -10.48
N ASN A 291 -21.95 23.00 -11.21
CA ASN A 291 -21.50 23.13 -12.60
C ASN A 291 -22.65 23.27 -13.61
N GLY A 292 -23.89 23.35 -13.16
CA GLY A 292 -25.02 23.57 -14.04
C GLY A 292 -25.79 22.34 -14.45
N SER A 293 -25.49 21.19 -13.86
CA SER A 293 -26.20 19.95 -14.18
C SER A 293 -27.53 19.83 -13.45
N ALA A 294 -27.95 20.87 -12.73
CA ALA A 294 -29.27 20.94 -12.12
C ALA A 294 -29.59 22.41 -11.86
N ARG A 295 -30.88 22.72 -11.89
CA ARG A 295 -31.30 24.11 -11.72
C ARG A 295 -31.52 24.48 -10.26
N VAL A 296 -32.04 23.56 -9.45
CA VAL A 296 -32.40 23.84 -8.06
C VAL A 296 -31.72 22.83 -7.14
N LEU A 297 -31.12 23.34 -6.07
CA LEU A 297 -30.58 22.52 -4.99
C LEU A 297 -31.41 22.78 -3.74
N VAL A 298 -31.99 21.73 -3.19
CA VAL A 298 -32.78 21.80 -1.96
C VAL A 298 -31.96 21.21 -0.84
N ALA A 299 -31.69 22.01 0.18
CA ALA A 299 -30.74 21.62 1.22
C ALA A 299 -31.29 21.96 2.59
N THR A 300 -30.77 21.25 3.59
CA THR A 300 -30.94 21.65 4.98
C THR A 300 -29.88 22.67 5.33
N ASP A 301 -29.66 22.93 6.62
CA ASP A 301 -28.66 23.94 6.95
C ASP A 301 -27.23 23.47 6.71
N VAL A 302 -27.03 22.23 6.27
CA VAL A 302 -25.69 21.76 5.91
C VAL A 302 -25.08 22.59 4.78
N ALA A 303 -25.89 23.37 4.06
CA ALA A 303 -25.41 24.25 3.02
C ALA A 303 -25.63 25.72 3.36
N ALA A 304 -26.01 26.02 4.60
CA ALA A 304 -26.33 27.40 4.96
C ALA A 304 -25.06 28.26 5.02
N ARG A 305 -23.92 27.67 5.39
CA ARG A 305 -22.73 28.43 5.71
C ARG A 305 -21.59 28.15 4.74
N GLY A 306 -20.89 29.22 4.36
CA GLY A 306 -19.58 29.10 3.74
C GLY A 306 -19.51 28.69 2.28
N LEU A 307 -20.47 27.91 1.81
CA LEU A 307 -20.40 27.37 0.45
C LEU A 307 -20.38 28.50 -0.57
N ASP A 308 -19.40 28.45 -1.46
CA ASP A 308 -19.19 29.50 -2.46
C ASP A 308 -19.58 28.94 -3.83
N ILE A 309 -20.86 29.06 -4.17
CA ILE A 309 -21.37 28.69 -5.48
C ILE A 309 -21.39 29.95 -6.34
N LYS A 310 -20.69 29.90 -7.47
CA LYS A 310 -20.46 31.11 -8.26
C LYS A 310 -21.72 31.52 -8.99
N SER A 311 -22.04 32.81 -8.91
CA SER A 311 -23.15 33.41 -9.63
C SER A 311 -24.49 32.73 -9.33
N LEU A 312 -24.63 32.17 -8.13
CA LEU A 312 -25.93 31.66 -7.71
C LEU A 312 -26.95 32.78 -7.75
N GLU A 313 -28.04 32.55 -8.49
CA GLU A 313 -28.98 33.62 -8.81
C GLU A 313 -30.04 33.85 -7.74
N LEU A 314 -30.41 32.82 -6.98
CA LEU A 314 -31.58 32.93 -6.12
C LEU A 314 -31.49 32.02 -4.91
N VAL A 315 -31.93 32.53 -3.76
CA VAL A 315 -32.10 31.73 -2.55
C VAL A 315 -33.56 31.83 -2.13
N VAL A 316 -34.15 30.69 -1.78
CA VAL A 316 -35.53 30.61 -1.29
C VAL A 316 -35.50 29.96 0.08
N ASN A 317 -36.17 30.59 1.05
CA ASN A 317 -36.36 30.04 2.38
C ASN A 317 -37.75 29.42 2.41
N PHE A 318 -37.80 28.10 2.17
CA PHE A 318 -39.06 27.37 2.28
C PHE A 318 -39.65 27.53 3.67
N GLU A 319 -38.82 27.36 4.70
CA GLU A 319 -39.16 27.71 6.06
C GLU A 319 -38.06 28.61 6.61
N LEU A 320 -38.43 29.66 7.33
CA LEU A 320 -37.44 30.51 7.95
C LEU A 320 -36.62 29.70 8.95
N ALA A 321 -35.31 29.94 8.98
CA ALA A 321 -34.45 29.21 9.89
C ALA A 321 -34.75 29.59 11.34
N TRP A 322 -34.50 28.64 12.25
CA TRP A 322 -34.76 28.88 13.67
C TRP A 322 -33.98 30.09 14.16
N ASP A 323 -32.74 30.25 13.73
CA ASP A 323 -31.84 31.31 14.14
C ASP A 323 -31.72 32.38 13.06
N PRO A 324 -31.81 33.65 13.46
CA PRO A 324 -31.63 34.73 12.48
C PRO A 324 -30.22 34.78 11.90
N GLU A 325 -29.22 34.40 12.70
CA GLU A 325 -27.88 34.25 12.16
C GLU A 325 -27.88 33.28 10.98
N VAL A 326 -28.56 32.15 11.12
CA VAL A 326 -28.62 31.19 10.02
C VAL A 326 -29.42 31.75 8.85
N HIS A 327 -30.45 32.57 9.12
CA HIS A 327 -31.10 33.26 8.02
C HIS A 327 -30.09 34.08 7.22
N VAL A 328 -29.23 34.83 7.92
CA VAL A 328 -28.25 35.67 7.24
C VAL A 328 -27.28 34.82 6.41
N HIS A 329 -26.92 33.64 6.89
CA HIS A 329 -25.98 32.80 6.15
C HIS A 329 -26.62 32.21 4.90
N ARG A 330 -27.89 31.81 5.00
CA ARG A 330 -28.59 31.23 3.86
C ARG A 330 -28.62 32.21 2.68
N ILE A 331 -29.16 33.41 2.90
CA ILE A 331 -29.23 34.39 1.82
C ILE A 331 -27.84 34.77 1.35
N GLY A 332 -26.84 34.70 2.24
CA GLY A 332 -25.46 34.93 1.86
C GLY A 332 -24.93 33.98 0.81
N ARG A 333 -25.64 32.89 0.50
CA ARG A 333 -25.23 32.02 -0.59
C ARG A 333 -25.34 32.72 -1.94
N THR A 334 -26.17 33.74 -2.05
CA THR A 334 -26.19 34.57 -3.24
C THR A 334 -25.55 35.93 -2.93
N ALA A 335 -25.29 36.69 -3.99
CA ALA A 335 -24.63 37.99 -3.88
C ALA A 335 -23.24 37.86 -3.22
N ARG A 336 -22.38 37.10 -3.88
CA ARG A 336 -21.03 36.88 -3.40
C ARG A 336 -20.02 37.53 -4.34
N ALA A 337 -18.88 37.91 -3.76
CA ALA A 337 -17.74 38.46 -4.51
C ALA A 337 -18.13 39.67 -5.35
N GLY A 338 -19.09 40.45 -4.87
CA GLY A 338 -19.49 41.68 -5.54
C GLY A 338 -20.71 41.58 -6.41
N ASN A 339 -21.32 40.40 -6.53
CA ASN A 339 -22.54 40.25 -7.32
C ASN A 339 -23.76 40.61 -6.47
N SER A 340 -24.91 40.67 -7.13
CA SER A 340 -26.19 40.86 -6.48
C SER A 340 -26.95 39.54 -6.43
N GLY A 341 -28.08 39.54 -5.76
CA GLY A 341 -28.88 38.34 -5.66
C GLY A 341 -30.25 38.66 -5.11
N LEU A 342 -31.10 37.63 -5.12
CA LEU A 342 -32.46 37.72 -4.60
C LEU A 342 -32.65 36.57 -3.61
N ALA A 343 -33.29 36.90 -2.49
CA ALA A 343 -33.64 35.91 -1.48
C ALA A 343 -35.12 36.05 -1.15
N ILE A 344 -35.91 35.13 -1.63
CA ILE A 344 -37.34 35.04 -1.33
C ILE A 344 -37.50 34.18 -0.10
N SER A 345 -38.46 34.52 0.75
CA SER A 345 -38.69 33.76 1.99
C SER A 345 -40.18 33.59 2.21
N PHE A 346 -40.59 32.38 2.55
CA PHE A 346 -41.98 32.09 2.87
C PHE A 346 -42.21 32.25 4.37
N CYS A 347 -43.40 32.73 4.72
CA CYS A 347 -43.75 32.95 6.13
C CYS A 347 -45.18 32.49 6.35
N ALA A 348 -45.33 31.36 7.03
CA ALA A 348 -46.60 30.89 7.54
C ALA A 348 -46.84 31.47 8.92
N PRO A 349 -48.08 31.45 9.42
CA PRO A 349 -48.36 32.10 10.71
C PRO A 349 -47.50 31.60 11.87
N GLU A 350 -46.96 30.38 11.79
CA GLU A 350 -46.10 29.87 12.84
C GLU A 350 -44.70 30.50 12.80
N GLU A 351 -44.33 31.09 11.67
CA GLU A 351 -43.01 31.67 11.47
C GLU A 351 -43.01 33.18 11.69
N ALA A 352 -44.11 33.72 12.22
CA ALA A 352 -44.20 35.16 12.45
C ALA A 352 -43.10 35.64 13.38
N GLN A 353 -42.81 34.90 14.44
CA GLN A 353 -41.77 35.31 15.37
C GLN A 353 -40.41 35.33 14.70
N ARG A 354 -40.11 34.32 13.87
CA ARG A 354 -38.85 34.30 13.15
C ARG A 354 -38.74 35.50 12.22
N ALA A 355 -39.82 35.81 11.49
CA ALA A 355 -39.79 36.96 10.59
C ALA A 355 -39.59 38.27 11.36
N ASN A 356 -40.21 38.39 12.54
CA ASN A 356 -40.06 39.60 13.34
C ASN A 356 -38.63 39.74 13.85
N ILE A 357 -38.05 38.64 14.32
CA ILE A 357 -36.66 38.68 14.80
C ILE A 357 -35.73 39.06 13.66
N ILE A 358 -36.00 38.56 12.45
CA ILE A 358 -35.19 38.95 11.30
C ILE A 358 -35.33 40.45 11.02
N SER A 359 -36.57 40.95 11.05
CA SER A 359 -36.80 42.38 10.84
C SER A 359 -36.03 43.21 11.86
N ASP A 360 -36.02 42.78 13.11
CA ASP A 360 -35.29 43.53 14.14
C ASP A 360 -33.79 43.45 13.93
N MET A 361 -33.27 42.25 13.71
CA MET A 361 -31.82 42.07 13.58
C MET A 361 -31.27 42.85 12.41
N LEU A 362 -31.94 42.78 11.27
CA LEU A 362 -31.47 43.46 10.06
C LEU A 362 -31.91 44.91 9.99
N GLN A 363 -32.74 45.36 10.94
CA GLN A 363 -33.25 46.73 10.98
C GLN A 363 -33.80 47.17 9.61
N ILE A 364 -34.57 46.28 9.00
CA ILE A 364 -35.23 46.57 7.72
C ILE A 364 -36.70 46.23 7.85
N LYS A 365 -37.54 47.03 7.19
CA LYS A 365 -38.95 46.73 7.05
C LYS A 365 -39.12 45.67 5.96
N LEU A 366 -39.77 44.56 6.30
CA LEU A 366 -39.85 43.43 5.39
C LEU A 366 -40.68 43.75 4.17
N ASN A 367 -40.23 43.29 3.01
CA ASN A 367 -40.87 43.57 1.72
C ASN A 367 -41.79 42.40 1.38
N TRP A 368 -43.07 42.54 1.71
CA TRP A 368 -44.05 41.50 1.48
C TRP A 368 -44.57 41.58 0.05
N GLN A 369 -44.43 40.50 -0.70
CA GLN A 369 -44.85 40.43 -2.09
C GLN A 369 -46.18 39.69 -2.20
N THR A 370 -47.08 40.23 -3.00
CA THR A 370 -48.24 39.41 -3.33
C THR A 370 -48.01 38.71 -4.66
N PRO A 371 -48.20 37.40 -4.74
CA PRO A 371 -47.96 36.70 -6.00
C PRO A 371 -49.05 36.99 -7.00
N PRO A 372 -48.84 36.69 -8.28
CA PRO A 372 -49.89 36.93 -9.28
C PRO A 372 -51.13 36.10 -8.97
N ALA A 373 -52.29 36.62 -9.39
CA ALA A 373 -53.56 35.95 -9.11
C ALA A 373 -53.53 34.50 -9.56
N ASN A 374 -53.17 34.27 -10.81
CA ASN A 374 -52.93 32.93 -11.32
C ASN A 374 -51.62 32.91 -12.10
N SER A 375 -50.88 31.81 -11.96
CA SER A 375 -49.57 31.66 -12.59
C SER A 375 -49.39 30.18 -12.88
N SER A 376 -48.97 29.86 -14.10
CA SER A 376 -48.78 28.45 -14.41
C SER A 376 -47.40 27.99 -13.95
N ILE A 377 -47.20 26.68 -14.00
CA ILE A 377 -45.95 26.05 -13.58
C ILE A 377 -45.18 25.66 -14.84
N ALA A 378 -43.92 26.04 -14.91
CA ALA A 378 -43.08 25.79 -16.06
C ALA A 378 -41.97 24.79 -15.72
N THR A 379 -41.50 24.09 -16.74
CA THR A 379 -40.36 23.20 -16.56
C THR A 379 -39.08 24.03 -16.50
N LEU A 380 -38.07 23.47 -15.81
CA LEU A 380 -36.75 24.10 -15.72
C LEU A 380 -35.72 23.00 -15.98
N GLU A 381 -35.13 23.00 -17.17
CA GLU A 381 -34.19 21.96 -17.56
C GLU A 381 -32.76 22.41 -17.32
N ALA A 382 -31.90 21.44 -17.00
CA ALA A 382 -30.50 21.71 -16.75
C ALA A 382 -29.73 21.82 -18.06
N GLU A 383 -28.86 22.83 -18.15
CA GLU A 383 -28.07 23.01 -19.36
C GLU A 383 -26.98 21.96 -19.51
N MET A 384 -26.54 21.38 -18.41
CA MET A 384 -25.35 20.53 -18.41
C MET A 384 -25.66 19.17 -17.80
N ALA A 385 -24.69 18.27 -17.94
CA ALA A 385 -24.67 16.97 -17.29
C ALA A 385 -23.23 16.64 -16.94
N THR A 386 -23.06 15.86 -15.87
CA THR A 386 -21.74 15.63 -15.28
C THR A 386 -21.25 14.22 -15.58
N LEU A 387 -20.16 14.14 -16.33
CA LEU A 387 -19.39 12.91 -16.43
C LEU A 387 -18.50 12.76 -15.20
N CYS A 388 -18.41 11.53 -14.69
CA CYS A 388 -17.51 11.18 -13.60
C CYS A 388 -16.46 10.22 -14.15
N ILE A 389 -15.22 10.71 -14.23
CA ILE A 389 -14.09 9.91 -14.70
C ILE A 389 -13.34 9.40 -13.48
N ASP A 390 -13.00 8.12 -13.48
CA ASP A 390 -12.29 7.52 -12.36
C ASP A 390 -10.81 7.86 -12.44
N GLY A 391 -10.24 8.29 -11.30
CA GLY A 391 -8.84 8.60 -11.24
C GLY A 391 -8.51 9.71 -10.27
N GLY A 392 -8.77 10.95 -10.66
CA GLY A 392 -8.52 12.08 -9.80
C GLY A 392 -7.04 12.37 -9.63
N LYS A 393 -6.72 13.09 -8.54
CA LYS A 393 -5.33 13.41 -8.25
C LYS A 393 -4.49 12.17 -8.04
N LYS A 394 -5.11 11.08 -7.56
CA LYS A 394 -4.38 9.82 -7.44
C LYS A 394 -3.87 9.32 -8.79
N ALA A 395 -4.59 9.63 -9.86
CA ALA A 395 -4.16 9.28 -11.21
C ALA A 395 -3.47 10.44 -11.93
N LYS A 396 -3.10 11.49 -11.20
CA LYS A 396 -2.33 12.61 -11.73
C LYS A 396 -3.07 13.36 -12.84
N MET A 397 -4.40 13.40 -12.76
CA MET A 397 -5.22 14.01 -13.80
C MET A 397 -5.42 15.49 -13.49
N ARG A 398 -4.74 16.36 -14.26
CA ARG A 398 -4.97 17.79 -14.13
C ARG A 398 -5.97 18.25 -15.19
N PRO A 399 -6.70 19.34 -14.93
CA PRO A 399 -7.78 19.74 -15.85
C PRO A 399 -7.36 19.85 -17.30
N GLY A 400 -6.11 20.25 -17.56
CA GLY A 400 -5.63 20.32 -18.92
C GLY A 400 -5.71 19.00 -19.65
N ASP A 401 -5.48 17.89 -18.94
CA ASP A 401 -5.53 16.57 -19.58
C ASP A 401 -6.95 16.24 -20.04
N VAL A 402 -7.93 16.39 -19.14
CA VAL A 402 -9.31 16.13 -19.51
C VAL A 402 -9.74 17.05 -20.64
N LEU A 403 -9.39 18.33 -20.54
CA LEU A 403 -9.82 19.28 -21.55
C LEU A 403 -9.18 18.98 -22.91
N GLY A 404 -7.90 18.63 -22.93
CA GLY A 404 -7.25 18.33 -24.19
C GLY A 404 -7.76 17.05 -24.82
N ALA A 405 -8.02 16.03 -24.00
CA ALA A 405 -8.63 14.82 -24.52
C ALA A 405 -10.03 15.09 -25.05
N LEU A 406 -10.77 15.99 -24.40
CA LEU A 406 -12.13 16.29 -24.86
C LEU A 406 -12.13 17.14 -26.12
N THR A 407 -11.18 18.06 -26.24
CA THR A 407 -11.13 18.94 -27.40
C THR A 407 -10.56 18.23 -28.61
N GLY A 408 -9.60 17.32 -28.41
CA GLY A 408 -8.97 16.68 -29.55
C GLY A 408 -9.55 15.33 -29.92
N ASP A 409 -9.10 14.28 -29.23
CA ASP A 409 -9.30 12.92 -29.68
C ASP A 409 -10.78 12.56 -29.78
N ILE A 410 -11.56 12.88 -28.74
CA ILE A 410 -12.98 12.54 -28.74
C ILE A 410 -13.79 13.46 -29.65
N GLY A 411 -13.25 14.62 -30.01
CA GLY A 411 -13.88 15.49 -30.99
C GLY A 411 -15.04 16.31 -30.45
N LEU A 412 -14.81 17.04 -29.36
CA LEU A 412 -15.82 17.89 -28.75
C LEU A 412 -15.35 19.34 -28.75
N ASP A 413 -16.31 20.25 -28.83
CA ASP A 413 -16.00 21.67 -28.88
C ASP A 413 -15.55 22.17 -27.51
N GLY A 414 -14.65 23.16 -27.53
CA GLY A 414 -14.14 23.72 -26.30
C GLY A 414 -15.17 24.51 -25.51
N ALA A 415 -16.23 24.98 -26.17
CA ALA A 415 -17.28 25.75 -25.51
C ALA A 415 -18.43 24.90 -25.02
N ASP A 416 -18.36 23.58 -25.19
CA ASP A 416 -19.38 22.67 -24.68
C ASP A 416 -18.92 21.95 -23.41
N ILE A 417 -17.82 22.38 -22.80
CA ILE A 417 -17.35 21.80 -21.54
C ILE A 417 -17.29 22.92 -20.51
N GLY A 418 -17.98 22.71 -19.38
CA GLY A 418 -17.99 23.68 -18.31
C GLY A 418 -16.97 23.38 -17.24
N LYS A 419 -17.42 23.37 -15.99
CA LYS A 419 -16.50 23.22 -14.85
C LYS A 419 -15.82 21.85 -14.88
N ILE A 420 -14.52 21.85 -14.61
CA ILE A 420 -13.75 20.64 -14.37
C ILE A 420 -13.31 20.67 -12.92
N ALA A 421 -13.79 19.71 -12.13
CA ALA A 421 -13.47 19.61 -10.71
C ALA A 421 -12.67 18.33 -10.49
N VAL A 422 -11.41 18.48 -10.11
CA VAL A 422 -10.53 17.34 -9.86
C VAL A 422 -10.59 17.02 -8.38
N HIS A 423 -11.16 15.87 -8.05
CA HIS A 423 -11.21 15.34 -6.70
C HIS A 423 -10.09 14.33 -6.49
N PRO A 424 -9.82 13.91 -5.25
CA PRO A 424 -8.70 12.99 -5.02
C PRO A 424 -8.80 11.67 -5.77
N ALA A 425 -10.02 11.16 -5.99
CA ALA A 425 -10.19 9.87 -6.64
C ALA A 425 -10.96 9.93 -7.95
N HIS A 426 -11.59 11.06 -8.28
CA HIS A 426 -12.34 11.19 -9.53
C HIS A 426 -12.15 12.58 -10.10
N VAL A 427 -12.58 12.75 -11.35
CA VAL A 427 -12.62 14.03 -12.03
C VAL A 427 -14.03 14.22 -12.59
N TYR A 428 -14.68 15.31 -12.21
CA TYR A 428 -16.04 15.60 -12.66
C TYR A 428 -16.00 16.66 -13.74
N VAL A 429 -16.63 16.37 -14.87
CA VAL A 429 -16.67 17.26 -16.01
C VAL A 429 -18.12 17.60 -16.29
N ALA A 430 -18.38 18.86 -16.66
CA ALA A 430 -19.70 19.30 -17.06
C ALA A 430 -19.70 19.51 -18.56
N VAL A 431 -20.60 18.81 -19.26
CA VAL A 431 -20.76 18.97 -20.70
C VAL A 431 -22.24 19.21 -20.98
N ARG A 432 -22.51 19.97 -22.04
CA ARG A 432 -23.89 20.32 -22.37
C ARG A 432 -24.72 19.07 -22.62
N GLN A 433 -26.03 19.19 -22.34
CA GLN A 433 -26.90 18.02 -22.33
C GLN A 433 -26.97 17.35 -23.69
N ALA A 434 -26.86 18.13 -24.77
CA ALA A 434 -26.90 17.55 -26.11
C ALA A 434 -25.73 16.61 -26.35
N VAL A 435 -24.55 16.97 -25.84
CA VAL A 435 -23.32 16.23 -26.10
C VAL A 435 -23.04 15.16 -25.04
N ALA A 436 -23.90 15.04 -24.02
CA ALA A 436 -23.56 14.22 -22.85
C ALA A 436 -23.39 12.75 -23.22
N HIS A 437 -24.41 12.15 -23.84
CA HIS A 437 -24.35 10.74 -24.19
C HIS A 437 -23.22 10.46 -25.18
N LYS A 438 -22.99 11.38 -26.11
CA LYS A 438 -21.90 11.23 -27.08
C LYS A 438 -20.55 11.22 -26.37
N ALA A 439 -20.32 12.19 -25.50
CA ALA A 439 -19.08 12.23 -24.73
C ALA A 439 -18.89 10.97 -23.91
N TRP A 440 -19.96 10.50 -23.26
CA TRP A 440 -19.85 9.27 -22.48
C TRP A 440 -19.43 8.09 -23.34
N LYS A 441 -20.16 7.85 -24.43
CA LYS A 441 -19.86 6.67 -25.26
C LYS A 441 -18.45 6.75 -25.84
N GLN A 442 -18.04 7.93 -26.30
CA GLN A 442 -16.74 8.02 -26.95
C GLN A 442 -15.59 7.98 -25.94
N LEU A 443 -15.79 8.56 -24.74
CA LEU A 443 -14.78 8.48 -23.70
C LEU A 443 -14.66 7.06 -23.14
N GLN A 444 -15.75 6.27 -23.22
CA GLN A 444 -15.69 4.88 -22.78
C GLN A 444 -14.51 4.15 -23.42
N GLY A 445 -14.50 4.07 -24.75
CA GLY A 445 -13.43 3.46 -25.49
C GLY A 445 -12.29 4.37 -25.85
N GLY A 446 -12.34 5.65 -25.44
CA GLY A 446 -11.25 6.57 -25.67
C GLY A 446 -10.20 6.51 -24.57
N LYS A 447 -9.22 7.41 -24.66
CA LYS A 447 -8.11 7.44 -23.74
C LYS A 447 -7.78 8.88 -23.36
N ILE A 448 -7.54 9.10 -22.08
CA ILE A 448 -7.12 10.40 -21.55
C ILE A 448 -5.75 10.21 -20.91
N LYS A 449 -4.81 11.08 -21.30
CA LYS A 449 -3.43 10.99 -20.82
C LYS A 449 -2.81 9.63 -21.15
N GLY A 450 -3.21 9.05 -22.26
CA GLY A 450 -2.73 7.74 -22.66
C GLY A 450 -3.48 6.56 -22.07
N LYS A 451 -3.75 6.61 -20.77
CA LYS A 451 -4.49 5.55 -20.11
C LYS A 451 -5.96 5.58 -20.50
N THR A 452 -6.58 4.41 -20.56
CA THR A 452 -8.02 4.30 -20.71
C THR A 452 -8.66 4.25 -19.33
N CYS A 453 -9.72 5.02 -19.14
CA CYS A 453 -10.34 5.19 -17.83
C CYS A 453 -11.81 4.79 -17.87
N ARG A 454 -12.37 4.61 -16.69
CA ARG A 454 -13.80 4.33 -16.52
C ARG A 454 -14.56 5.64 -16.38
N VAL A 455 -15.68 5.74 -17.12
CA VAL A 455 -16.46 6.97 -17.19
C VAL A 455 -17.92 6.63 -16.94
N ARG A 456 -18.53 7.30 -15.97
CA ARG A 456 -19.95 7.17 -15.68
C ARG A 456 -20.67 8.45 -16.03
N LEU A 457 -21.92 8.32 -16.47
CA LEU A 457 -22.81 9.46 -16.62
C LEU A 457 -23.64 9.59 -15.35
N LEU A 458 -23.47 10.69 -14.63
CA LEU A 458 -24.14 10.84 -13.34
C LEU A 458 -25.64 10.99 -13.53
N LYS A 459 -26.38 10.14 -12.82
CA LYS A 459 -27.86 10.02 -12.85
C LYS A 459 -28.63 11.06 -13.65
N GLY B 2 16.15 -52.86 4.89
CA GLY B 2 14.84 -53.37 4.53
C GLY B 2 13.80 -52.28 4.35
N MET B 3 12.84 -52.54 3.46
CA MET B 3 11.86 -51.52 3.10
C MET B 3 10.80 -51.37 4.20
N THR B 4 10.34 -50.13 4.39
CA THR B 4 9.26 -49.84 5.33
C THR B 4 8.34 -48.81 4.69
N ALA B 5 7.05 -49.11 4.66
CA ALA B 5 6.08 -48.17 4.12
C ALA B 5 5.65 -47.17 5.19
N PHE B 6 5.19 -46.01 4.74
CA PHE B 6 4.79 -44.95 5.66
C PHE B 6 3.60 -45.38 6.51
N SER B 7 2.76 -46.28 5.99
CA SER B 7 1.65 -46.81 6.77
C SER B 7 2.13 -47.51 8.03
N THR B 8 3.38 -48.02 8.02
CA THR B 8 3.94 -48.65 9.22
C THR B 8 4.10 -47.66 10.35
N LEU B 9 4.17 -46.36 10.06
CA LEU B 9 4.15 -45.35 11.11
C LEU B 9 2.86 -45.43 11.92
N ASN B 10 1.74 -45.74 11.24
CA ASN B 10 0.44 -45.92 11.87
C ASN B 10 -0.07 -44.63 12.51
N VAL B 11 0.30 -43.48 11.95
CA VAL B 11 -0.12 -42.19 12.48
C VAL B 11 -0.66 -41.32 11.35
N LEU B 12 -0.02 -41.41 10.19
CA LEU B 12 -0.34 -40.51 9.10
C LEU B 12 -1.75 -40.78 8.56
N PRO B 13 -2.53 -39.74 8.29
CA PRO B 13 -3.89 -39.93 7.77
C PRO B 13 -3.85 -40.48 6.35
N PRO B 14 -4.95 -41.07 5.88
CA PRO B 14 -4.98 -41.60 4.51
C PRO B 14 -4.77 -40.53 3.46
N ALA B 15 -5.20 -39.29 3.72
CA ALA B 15 -4.92 -38.20 2.80
C ALA B 15 -3.41 -38.02 2.63
N GLN B 16 -2.68 -38.03 3.74
CA GLN B 16 -1.23 -37.88 3.65
C GLN B 16 -0.57 -39.10 3.00
N LEU B 17 -1.09 -40.29 3.27
CA LEU B 17 -0.55 -41.47 2.61
C LEU B 17 -0.71 -41.40 1.09
N THR B 18 -1.91 -40.98 0.64
CA THR B 18 -2.13 -40.80 -0.78
C THR B 18 -1.25 -39.69 -1.35
N ASN B 19 -1.05 -38.62 -0.58
CA ASN B 19 -0.20 -37.52 -1.04
C ASN B 19 1.24 -37.99 -1.25
N LEU B 20 1.76 -38.75 -0.27
CA LEU B 20 3.10 -39.31 -0.40
C LEU B 20 3.20 -40.24 -1.61
N ASN B 21 2.18 -41.08 -1.82
CA ASN B 21 2.24 -41.98 -2.98
C ASN B 21 2.19 -41.19 -4.29
N GLU B 22 1.39 -40.12 -4.33
CA GLU B 22 1.34 -39.28 -5.53
C GLU B 22 2.68 -38.62 -5.80
N LEU B 23 3.37 -38.18 -4.74
CA LEU B 23 4.65 -37.51 -4.91
C LEU B 23 5.81 -38.47 -5.13
N GLY B 24 5.56 -39.77 -5.17
CA GLY B 24 6.64 -40.72 -5.40
C GLY B 24 7.42 -41.13 -4.17
N TYR B 25 6.93 -40.81 -2.96
CA TYR B 25 7.51 -41.31 -1.72
C TYR B 25 6.93 -42.69 -1.47
N LEU B 26 7.48 -43.68 -2.17
CA LEU B 26 6.92 -45.02 -2.17
C LEU B 26 7.20 -45.77 -0.87
N THR B 27 8.46 -45.76 -0.43
CA THR B 27 8.85 -46.36 0.84
C THR B 27 9.76 -45.40 1.59
N MET B 28 9.76 -45.54 2.91
CA MET B 28 10.54 -44.64 3.75
C MET B 28 12.03 -44.90 3.61
N THR B 29 12.81 -43.83 3.73
CA THR B 29 14.25 -43.92 3.84
C THR B 29 14.60 -44.35 5.26
N PRO B 30 15.86 -44.73 5.51
CA PRO B 30 16.24 -45.12 6.87
C PRO B 30 16.01 -44.01 7.90
N VAL B 31 16.37 -42.78 7.58
CA VAL B 31 16.20 -41.68 8.54
C VAL B 31 14.71 -41.44 8.81
N GLN B 32 13.88 -41.55 7.77
CA GLN B 32 12.44 -41.40 7.99
C GLN B 32 11.90 -42.51 8.89
N ALA B 33 12.22 -43.76 8.54
CA ALA B 33 11.76 -44.90 9.33
C ALA B 33 12.19 -44.81 10.78
N ALA B 34 13.39 -44.28 11.04
CA ALA B 34 13.89 -44.28 12.40
C ALA B 34 13.46 -43.05 13.21
N ALA B 35 13.43 -41.87 12.60
CA ALA B 35 13.13 -40.65 13.35
C ALA B 35 11.65 -40.35 13.43
N LEU B 36 10.85 -40.73 12.43
CA LEU B 36 9.44 -40.32 12.43
C LEU B 36 8.63 -40.86 13.61
N PRO B 37 8.80 -42.11 14.07
CA PRO B 37 8.05 -42.53 15.26
C PRO B 37 8.25 -41.61 16.46
N ALA B 38 9.50 -41.31 16.81
CA ALA B 38 9.77 -40.46 17.97
C ALA B 38 9.30 -39.03 17.74
N ILE B 39 9.48 -38.52 16.52
CA ILE B 39 9.05 -37.15 16.22
C ILE B 39 7.55 -37.02 16.38
N LEU B 40 6.80 -37.96 15.78
CA LEU B 40 5.34 -37.94 15.91
C LEU B 40 4.92 -38.13 17.37
N ALA B 41 5.68 -38.91 18.14
CA ALA B 41 5.41 -39.04 19.57
C ALA B 41 5.70 -37.76 20.35
N GLY B 42 6.20 -36.71 19.70
CA GLY B 42 6.46 -35.46 20.37
C GLY B 42 7.78 -35.36 21.09
N LYS B 43 8.76 -36.18 20.73
CA LYS B 43 10.07 -36.15 21.36
C LYS B 43 11.02 -35.23 20.61
N ASP B 44 11.86 -34.51 21.36
CA ASP B 44 12.95 -33.78 20.73
C ASP B 44 13.98 -34.75 20.20
N VAL B 45 14.50 -34.49 19.01
CA VAL B 45 15.44 -35.43 18.39
C VAL B 45 16.60 -34.67 17.78
N ARG B 46 17.80 -35.24 17.91
CA ARG B 46 18.98 -34.81 17.17
C ARG B 46 19.36 -35.96 16.24
N VAL B 47 19.39 -35.69 14.94
CA VAL B 47 19.41 -36.73 13.92
C VAL B 47 20.58 -36.49 12.97
N GLN B 48 21.32 -37.56 12.69
CA GLN B 48 22.31 -37.59 11.64
C GLN B 48 21.85 -38.57 10.55
N ALA B 49 22.08 -38.21 9.30
CA ALA B 49 21.90 -39.11 8.17
C ALA B 49 22.66 -38.54 7.00
N LYS B 50 23.12 -39.43 6.11
CA LYS B 50 23.95 -38.99 5.00
C LYS B 50 23.16 -38.07 4.06
N THR B 51 23.90 -37.41 3.17
CA THR B 51 23.29 -36.46 2.24
C THR B 51 22.37 -37.17 1.25
N GLY B 52 21.30 -36.48 0.86
CA GLY B 52 20.37 -37.01 -0.11
C GLY B 52 19.64 -38.26 0.36
N SER B 53 19.19 -38.28 1.60
CA SER B 53 18.52 -39.45 2.16
C SER B 53 17.19 -39.12 2.83
N GLY B 54 16.65 -37.91 2.62
CA GLY B 54 15.28 -37.63 3.01
C GLY B 54 15.07 -36.99 4.37
N LYS B 55 16.08 -36.28 4.90
CA LYS B 55 15.91 -35.62 6.19
C LYS B 55 14.84 -34.51 6.11
N THR B 56 14.74 -33.85 4.95
CA THR B 56 13.75 -32.80 4.79
C THR B 56 12.34 -33.32 5.02
N ALA B 57 11.97 -34.39 4.29
CA ALA B 57 10.67 -35.02 4.52
C ALA B 57 10.58 -35.61 5.93
N ALA B 58 11.71 -36.08 6.47
CA ALA B 58 11.70 -36.68 7.80
C ALA B 58 11.19 -35.69 8.85
N PHE B 59 11.72 -34.47 8.85
CA PHE B 59 11.18 -33.52 9.82
C PHE B 59 9.91 -32.82 9.32
N GLY B 60 9.70 -32.76 8.00
CA GLY B 60 8.53 -32.09 7.48
C GLY B 60 7.23 -32.82 7.80
N LEU B 61 7.20 -34.13 7.57
CA LEU B 61 6.00 -34.89 7.91
C LEU B 61 5.72 -34.82 9.41
N GLY B 62 6.77 -34.89 10.22
CA GLY B 62 6.60 -34.80 11.66
C GLY B 62 5.95 -33.50 12.08
N LEU B 63 6.42 -32.37 11.54
CA LEU B 63 5.83 -31.10 11.96
C LEU B 63 4.46 -30.87 11.32
N LEU B 64 4.26 -31.33 10.08
CA LEU B 64 2.95 -31.20 9.43
C LEU B 64 1.88 -32.00 10.16
N GLN B 65 2.28 -33.08 10.84
CA GLN B 65 1.29 -33.87 11.57
C GLN B 65 0.71 -33.12 12.76
N GLN B 66 1.33 -32.03 13.21
CA GLN B 66 0.84 -31.29 14.36
C GLN B 66 0.28 -29.92 14.00
N ILE B 67 0.02 -29.66 12.73
CA ILE B 67 -0.54 -28.38 12.28
C ILE B 67 -2.06 -28.42 12.39
N ASP B 68 -2.64 -27.32 12.88
CA ASP B 68 -4.09 -27.12 12.86
C ASP B 68 -4.37 -25.99 11.86
N ALA B 69 -4.82 -26.37 10.67
CA ALA B 69 -5.00 -25.39 9.60
C ALA B 69 -6.10 -24.38 9.90
N SER B 70 -7.03 -24.69 10.79
CA SER B 70 -8.08 -23.73 11.13
C SER B 70 -7.54 -22.61 11.99
N LEU B 71 -6.47 -22.87 12.75
CA LEU B 71 -5.86 -21.85 13.60
C LEU B 71 -4.77 -21.15 12.79
N PHE B 72 -5.01 -19.89 12.44
CA PHE B 72 -4.10 -19.14 11.57
C PHE B 72 -3.07 -18.35 12.38
N GLN B 73 -2.32 -19.10 13.18
CA GLN B 73 -1.13 -18.59 13.85
C GLN B 73 0.06 -19.46 13.47
N THR B 74 1.25 -18.97 13.79
CA THR B 74 2.48 -19.72 13.50
C THR B 74 2.65 -20.85 14.49
N GLN B 75 2.75 -22.07 13.98
CA GLN B 75 2.89 -23.26 14.82
C GLN B 75 4.16 -24.06 14.58
N ALA B 76 4.82 -23.86 13.44
CA ALA B 76 6.08 -24.54 13.14
C ALA B 76 7.08 -23.55 12.56
N LEU B 77 8.32 -23.61 13.06
CA LEU B 77 9.40 -22.78 12.58
C LEU B 77 10.57 -23.66 12.17
N VAL B 78 11.19 -23.35 11.04
CA VAL B 78 12.34 -24.07 10.53
C VAL B 78 13.41 -23.05 10.17
N LEU B 79 14.64 -23.28 10.61
CA LEU B 79 15.75 -22.37 10.37
C LEU B 79 16.74 -23.02 9.41
N CYS B 80 17.23 -22.24 8.47
CA CYS B 80 18.17 -22.72 7.46
C CYS B 80 19.40 -21.82 7.41
N PRO B 81 20.53 -22.35 6.92
CA PRO B 81 21.75 -21.53 6.86
C PRO B 81 21.82 -20.60 5.66
N THR B 82 21.14 -20.94 4.56
CA THR B 82 21.16 -20.09 3.36
C THR B 82 19.75 -19.85 2.85
N ARG B 83 19.61 -18.74 2.11
CA ARG B 83 18.30 -18.34 1.59
C ARG B 83 17.79 -19.35 0.56
N GLU B 84 18.65 -19.82 -0.32
CA GLU B 84 18.23 -20.80 -1.32
C GLU B 84 17.76 -22.09 -0.66
N LEU B 85 18.47 -22.53 0.39
CA LEU B 85 18.05 -23.73 1.10
C LEU B 85 16.73 -23.50 1.83
N ALA B 86 16.53 -22.31 2.39
CA ALA B 86 15.24 -22.00 3.00
C ALA B 86 14.11 -22.10 1.98
N ASP B 87 14.33 -21.54 0.78
CA ASP B 87 13.33 -21.62 -0.28
C ASP B 87 13.05 -23.07 -0.66
N GLN B 88 14.10 -23.89 -0.81
CA GLN B 88 13.93 -25.27 -1.22
C GLN B 88 13.18 -26.08 -0.15
N VAL B 89 13.55 -25.90 1.12
CA VAL B 89 12.86 -26.60 2.20
C VAL B 89 11.41 -26.19 2.26
N ALA B 90 11.13 -24.90 2.05
CA ALA B 90 9.74 -24.43 2.02
C ALA B 90 8.96 -25.09 0.89
N GLY B 91 9.57 -25.20 -0.30
CA GLY B 91 8.88 -25.83 -1.42
C GLY B 91 8.58 -27.30 -1.17
N GLU B 92 9.55 -28.02 -0.60
CA GLU B 92 9.31 -29.42 -0.26
C GLU B 92 8.21 -29.55 0.79
N LEU B 93 8.21 -28.65 1.79
CA LEU B 93 7.14 -28.67 2.79
C LEU B 93 5.78 -28.36 2.17
N ARG B 94 5.74 -27.51 1.15
CA ARG B 94 4.47 -27.23 0.48
C ARG B 94 3.97 -28.45 -0.27
N ARG B 95 4.87 -29.13 -1.01
CA ARG B 95 4.46 -30.35 -1.69
C ARG B 95 3.96 -31.39 -0.69
N LEU B 96 4.64 -31.52 0.45
CA LEU B 96 4.20 -32.46 1.47
C LEU B 96 2.92 -32.03 2.16
N ALA B 97 2.60 -30.75 2.13
CA ALA B 97 1.42 -30.21 2.81
C ALA B 97 0.17 -30.21 1.93
N ARG B 98 0.22 -30.85 0.76
CA ARG B 98 -0.94 -30.87 -0.12
C ARG B 98 -2.11 -31.59 0.52
N PHE B 99 -1.84 -32.57 1.39
CA PHE B 99 -2.92 -33.27 2.08
C PHE B 99 -3.69 -32.33 3.02
N LEU B 100 -3.11 -31.21 3.38
CA LEU B 100 -3.73 -30.26 4.30
C LEU B 100 -4.11 -29.00 3.53
N PRO B 101 -5.39 -28.79 3.23
CA PRO B 101 -5.76 -27.66 2.37
C PRO B 101 -5.67 -26.34 3.12
N ASN B 102 -5.36 -25.28 2.37
CA ASN B 102 -5.22 -23.93 2.92
C ASN B 102 -4.17 -23.89 4.03
N THR B 103 -2.98 -24.40 3.72
CA THR B 103 -1.84 -24.37 4.62
C THR B 103 -0.83 -23.35 4.11
N LYS B 104 -0.59 -22.32 4.91
CA LYS B 104 0.31 -21.24 4.51
C LYS B 104 1.71 -21.54 5.03
N ILE B 105 2.65 -21.70 4.09
CA ILE B 105 4.07 -21.87 4.41
C ILE B 105 4.79 -20.66 3.84
N LEU B 106 5.36 -19.85 4.72
CA LEU B 106 6.02 -18.61 4.33
C LEU B 106 7.52 -18.70 4.57
N THR B 107 8.30 -18.15 3.64
CA THR B 107 9.75 -18.14 3.74
C THR B 107 10.22 -16.72 4.03
N LEU B 108 11.06 -16.60 5.06
CA LEU B 108 11.55 -15.30 5.53
C LEU B 108 13.07 -15.26 5.35
N CYS B 109 13.52 -14.54 4.32
CA CYS B 109 14.93 -14.42 4.02
C CYS B 109 15.25 -12.99 3.64
N GLY B 110 16.54 -12.64 3.72
CA GLY B 110 17.00 -11.38 3.21
C GLY B 110 16.97 -11.35 1.70
N GLY B 111 17.28 -10.18 1.14
CA GLY B 111 17.20 -9.95 -0.29
C GLY B 111 15.82 -9.55 -0.76
N GLN B 112 14.80 -10.25 -0.26
CA GLN B 112 13.42 -9.85 -0.51
C GLN B 112 13.07 -8.65 0.35
N PRO B 113 12.27 -7.72 -0.17
CA PRO B 113 11.93 -6.51 0.60
C PRO B 113 11.14 -6.85 1.85
N PHE B 114 11.38 -6.05 2.90
CA PHE B 114 10.78 -6.29 4.20
C PHE B 114 9.28 -6.00 4.19
N GLY B 115 8.83 -5.07 3.34
CA GLY B 115 7.44 -4.65 3.40
C GLY B 115 6.46 -5.67 2.87
N MET B 116 6.81 -6.33 1.77
CA MET B 116 5.94 -7.39 1.25
C MET B 116 5.81 -8.52 2.27
N GLN B 117 6.89 -8.81 2.99
CA GLN B 117 6.82 -9.84 4.02
C GLN B 117 5.97 -9.37 5.20
N ARG B 118 6.10 -8.10 5.60
CA ARG B 118 5.23 -7.56 6.64
C ARG B 118 3.77 -7.67 6.25
N ASP B 119 3.45 -7.38 4.98
CA ASP B 119 2.08 -7.49 4.50
C ASP B 119 1.60 -8.94 4.53
N SER B 120 2.41 -9.85 3.99
CA SER B 120 2.07 -11.27 4.02
C SER B 120 1.91 -11.80 5.44
N LEU B 121 2.53 -11.16 6.43
CA LEU B 121 2.45 -11.62 7.81
C LEU B 121 1.18 -11.17 8.52
N GLN B 122 0.38 -10.28 7.91
CA GLN B 122 -0.89 -9.91 8.54
C GLN B 122 -1.81 -11.10 8.70
N HIS B 123 -1.77 -12.04 7.75
CA HIS B 123 -2.43 -13.33 7.88
C HIS B 123 -1.34 -14.32 8.26
N ALA B 124 -1.20 -14.55 9.56
CA ALA B 124 -0.08 -15.32 10.09
C ALA B 124 -0.01 -16.69 9.42
N PRO B 125 1.15 -17.10 8.92
CA PRO B 125 1.28 -18.42 8.31
C PRO B 125 1.35 -19.52 9.37
N HIS B 126 1.03 -20.74 8.94
CA HIS B 126 1.13 -21.89 9.84
C HIS B 126 2.57 -22.30 10.05
N ILE B 127 3.39 -22.25 8.99
CA ILE B 127 4.77 -22.70 9.02
C ILE B 127 5.65 -21.60 8.44
N ILE B 128 6.74 -21.28 9.13
CA ILE B 128 7.74 -20.33 8.65
C ILE B 128 9.04 -21.09 8.44
N VAL B 129 9.65 -20.89 7.27
CA VAL B 129 11.00 -21.36 6.99
C VAL B 129 11.85 -20.13 6.74
N ALA B 130 12.92 -19.97 7.51
CA ALA B 130 13.58 -18.66 7.53
C ALA B 130 15.08 -18.80 7.75
N THR B 131 15.77 -17.76 7.35
CA THR B 131 17.13 -17.55 7.82
C THR B 131 17.08 -16.71 9.10
N PRO B 132 18.05 -16.89 10.01
CA PRO B 132 17.92 -16.26 11.34
C PRO B 132 17.97 -14.75 11.31
N GLY B 133 18.70 -14.14 10.37
CA GLY B 133 18.77 -12.70 10.29
C GLY B 133 17.43 -12.01 10.10
N ARG B 134 16.79 -12.25 8.96
CA ARG B 134 15.52 -11.60 8.67
C ARG B 134 14.43 -12.05 9.64
N LEU B 135 14.47 -13.32 10.08
CA LEU B 135 13.50 -13.79 11.05
C LEU B 135 13.62 -13.02 12.37
N LEU B 136 14.85 -12.80 12.82
CA LEU B 136 15.06 -12.03 14.05
C LEU B 136 14.64 -10.58 13.86
N ASP B 137 14.91 -10.02 12.68
CA ASP B 137 14.47 -8.66 12.39
C ASP B 137 12.95 -8.56 12.46
N HIS B 138 12.24 -9.55 11.92
CA HIS B 138 10.78 -9.58 12.01
C HIS B 138 10.30 -9.76 13.45
N LEU B 139 11.01 -10.61 14.22
CA LEU B 139 10.60 -10.87 15.60
C LEU B 139 10.72 -9.61 16.45
N GLN B 140 11.86 -8.94 16.39
CA GLN B 140 12.07 -7.75 17.20
C GLN B 140 11.11 -6.62 16.82
N LYS B 141 10.65 -6.59 15.58
CA LYS B 141 9.69 -5.59 15.13
C LYS B 141 8.24 -6.05 15.28
N GLY B 142 8.00 -7.18 15.94
CA GLY B 142 6.65 -7.58 16.30
C GLY B 142 5.78 -8.08 15.18
N THR B 143 6.36 -8.40 14.02
CA THR B 143 5.56 -8.89 12.90
C THR B 143 5.40 -10.41 12.89
N VAL B 144 6.10 -11.13 13.77
CA VAL B 144 5.96 -12.56 13.92
C VAL B 144 5.85 -12.88 15.41
N SER B 145 4.95 -13.80 15.75
CA SER B 145 4.79 -14.25 17.13
C SER B 145 4.90 -15.77 17.16
N LEU B 146 5.75 -16.27 18.06
CA LEU B 146 5.94 -17.71 18.25
C LEU B 146 5.21 -18.21 19.48
N ASP B 147 4.22 -17.48 19.98
CA ASP B 147 3.53 -17.87 21.21
C ASP B 147 2.83 -19.21 21.05
N ALA B 148 2.29 -19.51 19.86
CA ALA B 148 1.57 -20.73 19.60
C ALA B 148 2.45 -21.78 18.90
N LEU B 149 3.73 -21.81 19.21
CA LEU B 149 4.68 -22.63 18.48
C LEU B 149 4.70 -24.06 19.04
N ASN B 150 4.44 -25.03 18.16
CA ASN B 150 4.54 -26.44 18.52
C ASN B 150 5.95 -26.97 18.31
N THR B 151 6.55 -26.70 17.15
CA THR B 151 7.76 -27.38 16.71
C THR B 151 8.74 -26.38 16.11
N LEU B 152 9.98 -26.45 16.57
CA LEU B 152 11.10 -25.73 16.00
C LEU B 152 12.11 -26.73 15.44
N VAL B 153 12.58 -26.45 14.23
CA VAL B 153 13.47 -27.34 13.50
C VAL B 153 14.68 -26.53 13.06
N MET B 154 15.86 -27.13 13.20
CA MET B 154 17.08 -26.59 12.63
C MET B 154 17.66 -27.63 11.68
N ASP B 155 17.50 -27.38 10.39
CA ASP B 155 18.23 -28.13 9.38
C ASP B 155 19.67 -27.60 9.33
N GLU B 156 20.61 -28.50 9.03
CA GLU B 156 22.03 -28.18 9.11
C GLU B 156 22.37 -27.63 10.49
N ALA B 157 21.96 -28.37 11.52
CA ALA B 157 22.01 -27.85 12.88
C ALA B 157 23.44 -27.67 13.37
N ASP B 158 24.38 -28.53 12.95
CA ASP B 158 25.76 -28.33 13.34
C ASP B 158 26.29 -26.98 12.86
N ARG B 159 25.78 -26.50 11.73
CA ARG B 159 26.12 -25.15 11.27
C ARG B 159 25.30 -24.10 12.00
N MET B 160 24.02 -24.38 12.26
CA MET B 160 23.18 -23.41 12.97
C MET B 160 23.67 -23.15 14.38
N LEU B 161 24.43 -24.08 14.97
CA LEU B 161 24.95 -23.93 16.32
C LEU B 161 26.42 -23.55 16.33
N ASP B 162 27.00 -23.14 15.20
CA ASP B 162 28.39 -22.72 15.21
C ASP B 162 28.50 -21.29 15.77
N MET B 163 29.74 -20.86 16.01
CA MET B 163 29.96 -19.57 16.66
C MET B 163 29.36 -18.42 15.86
N GLY B 164 29.31 -18.54 14.53
CA GLY B 164 28.72 -17.48 13.73
C GLY B 164 27.24 -17.32 13.96
N PHE B 165 26.51 -18.44 14.08
CA PHE B 165 25.07 -18.41 14.25
C PHE B 165 24.63 -18.52 15.70
N SER B 166 25.55 -18.76 16.64
CA SER B 166 25.18 -19.02 18.02
C SER B 166 24.34 -17.90 18.62
N ASP B 167 24.83 -16.66 18.50
CA ASP B 167 24.14 -15.54 19.14
C ASP B 167 22.78 -15.28 18.50
N ALA B 168 22.71 -15.32 17.16
CA ALA B 168 21.43 -15.12 16.50
C ALA B 168 20.42 -16.18 16.89
N ILE B 169 20.86 -17.45 16.95
CA ILE B 169 19.98 -18.52 17.37
C ILE B 169 19.47 -18.27 18.79
N ASP B 170 20.39 -17.95 19.71
CA ASP B 170 19.98 -17.65 21.08
C ASP B 170 18.95 -16.53 21.12
N ASP B 171 19.14 -15.50 20.28
CA ASP B 171 18.16 -14.42 20.22
C ASP B 171 16.81 -14.92 19.75
N VAL B 172 16.80 -15.81 18.75
CA VAL B 172 15.54 -16.32 18.24
C VAL B 172 14.84 -17.18 19.28
N ILE B 173 15.59 -18.01 20.01
CA ILE B 173 14.99 -18.92 20.98
C ILE B 173 14.32 -18.15 22.11
N ARG B 174 14.81 -16.96 22.43
CA ARG B 174 14.21 -16.19 23.52
C ARG B 174 12.80 -15.72 23.18
N PHE B 175 12.40 -15.77 21.91
CA PHE B 175 11.04 -15.46 21.50
C PHE B 175 10.13 -16.69 21.45
N ALA B 176 10.71 -17.88 21.42
CA ALA B 176 9.97 -19.13 21.28
C ALA B 176 9.52 -19.64 22.65
N PRO B 177 8.50 -20.51 22.69
CA PRO B 177 8.07 -21.06 23.98
C PRO B 177 9.11 -22.02 24.54
N ALA B 178 9.13 -22.11 25.88
CA ALA B 178 10.02 -23.07 26.53
C ALA B 178 9.51 -24.49 26.33
N SER B 179 8.20 -24.67 26.33
CA SER B 179 7.59 -25.98 26.08
C SER B 179 7.34 -26.09 24.58
N ARG B 180 8.31 -26.67 23.87
CA ARG B 180 8.22 -26.86 22.43
C ARG B 180 8.94 -28.14 22.08
N GLN B 181 8.63 -28.66 20.90
CA GLN B 181 9.39 -29.76 20.33
C GLN B 181 10.53 -29.20 19.50
N THR B 182 11.71 -29.83 19.60
CA THR B 182 12.88 -29.34 18.90
C THR B 182 13.54 -30.48 18.14
N LEU B 183 13.73 -30.26 16.83
CA LEU B 183 14.34 -31.25 15.95
C LEU B 183 15.58 -30.62 15.31
N LEU B 184 16.74 -31.24 15.52
CA LEU B 184 17.98 -30.84 14.89
C LEU B 184 18.38 -31.91 13.89
N PHE B 185 18.65 -31.52 12.65
CA PHE B 185 18.99 -32.48 11.60
C PHE B 185 20.28 -32.06 10.91
N SER B 186 21.14 -33.03 10.63
CA SER B 186 22.35 -32.72 9.88
C SER B 186 22.98 -34.02 9.37
N ALA B 187 23.81 -33.87 8.33
CA ALA B 187 24.61 -34.99 7.85
C ALA B 187 25.91 -35.15 8.61
N THR B 188 26.31 -34.12 9.37
CA THR B 188 27.57 -34.11 10.09
C THR B 188 27.34 -33.61 11.50
N TRP B 189 28.13 -34.11 12.45
CA TRP B 189 27.99 -33.74 13.86
C TRP B 189 29.33 -33.89 14.57
N PRO B 190 30.20 -32.88 14.46
CA PRO B 190 31.36 -32.82 15.37
C PRO B 190 30.90 -32.86 16.80
N GLU B 191 31.55 -33.72 17.60
CA GLU B 191 31.06 -33.99 18.95
C GLU B 191 31.10 -32.76 19.86
N ALA B 192 31.86 -31.73 19.49
CA ALA B 192 31.81 -30.48 20.24
C ALA B 192 30.46 -29.78 20.07
N ILE B 193 30.06 -29.56 18.81
CA ILE B 193 28.77 -28.93 18.56
C ILE B 193 27.63 -29.85 18.97
N ALA B 194 27.80 -31.16 18.80
CA ALA B 194 26.80 -32.09 19.33
C ALA B 194 26.65 -31.93 20.83
N ALA B 195 27.76 -31.75 21.54
CA ALA B 195 27.69 -31.55 22.99
C ALA B 195 26.99 -30.25 23.34
N ILE B 196 27.23 -29.19 22.57
CA ILE B 196 26.60 -27.91 22.88
C ILE B 196 25.16 -27.82 22.42
N SER B 197 24.69 -28.75 21.58
CA SER B 197 23.36 -28.62 21.00
C SER B 197 22.25 -28.84 22.00
N GLY B 198 22.51 -29.55 23.10
CA GLY B 198 21.48 -29.88 24.07
C GLY B 198 20.89 -28.69 24.82
N ARG B 199 21.40 -27.48 24.59
CA ARG B 199 20.87 -26.31 25.28
C ARG B 199 19.55 -25.83 24.71
N VAL B 200 19.27 -26.15 23.44
CA VAL B 200 18.02 -25.76 22.80
C VAL B 200 16.98 -26.86 22.85
N GLN B 201 17.30 -28.01 23.43
CA GLN B 201 16.42 -29.16 23.43
C GLN B 201 16.03 -29.52 24.87
N ARG B 202 15.07 -30.44 24.97
CA ARG B 202 14.54 -30.90 26.25
C ARG B 202 14.49 -32.43 26.18
N ASP B 203 15.45 -33.08 26.84
CA ASP B 203 15.59 -34.53 26.80
C ASP B 203 15.60 -35.06 25.36
N PRO B 204 16.58 -34.68 24.56
CA PRO B 204 16.59 -35.12 23.16
C PRO B 204 16.90 -36.59 23.04
N LEU B 205 16.47 -37.16 21.92
CA LEU B 205 16.82 -38.51 21.52
C LEU B 205 17.82 -38.42 20.38
N ALA B 206 18.97 -39.06 20.55
CA ALA B 206 20.04 -38.99 19.57
C ALA B 206 19.94 -40.17 18.62
N ILE B 207 19.72 -39.89 17.34
CA ILE B 207 19.59 -40.92 16.31
C ILE B 207 20.65 -40.64 15.26
N GLU B 208 21.75 -41.38 15.32
CA GLU B 208 22.81 -41.31 14.31
C GLU B 208 22.60 -42.49 13.36
N ILE B 209 22.01 -42.20 12.20
CA ILE B 209 21.65 -43.27 11.27
C ILE B 209 22.89 -43.86 10.61
N ASP B 210 23.83 -43.02 10.22
CA ASP B 210 25.02 -43.44 9.49
C ASP B 210 26.26 -42.98 10.23
N SER B 211 27.24 -43.87 10.34
CA SER B 211 28.54 -43.49 10.88
C SER B 211 29.19 -42.44 9.98
N THR B 212 30.12 -41.68 10.56
CA THR B 212 30.67 -40.51 9.87
C THR B 212 31.30 -40.86 8.53
N ASP B 213 31.82 -42.08 8.39
CA ASP B 213 32.49 -42.48 7.16
C ASP B 213 31.56 -43.20 6.18
N ALA B 214 30.27 -43.31 6.50
CA ALA B 214 29.30 -43.98 5.64
C ALA B 214 28.60 -42.93 4.79
N LEU B 215 29.12 -42.72 3.59
CA LEU B 215 28.63 -41.73 2.65
C LEU B 215 27.80 -42.39 1.55
N PRO B 216 27.09 -41.60 0.76
CA PRO B 216 26.42 -42.16 -0.43
C PRO B 216 27.43 -42.67 -1.44
N PRO B 217 26.99 -43.46 -2.42
CA PRO B 217 27.93 -43.97 -3.44
C PRO B 217 28.53 -42.88 -4.30
N ILE B 218 29.58 -42.23 -3.80
CA ILE B 218 30.30 -41.18 -4.52
C ILE B 218 31.69 -41.70 -4.85
N GLU B 219 32.05 -41.65 -6.14
CA GLU B 219 33.40 -41.98 -6.55
C GLU B 219 34.29 -40.75 -6.39
N GLN B 220 35.40 -40.91 -5.68
CA GLN B 220 36.28 -39.81 -5.33
C GLN B 220 37.62 -39.96 -6.02
N GLN B 221 38.03 -38.92 -6.73
CA GLN B 221 39.31 -38.87 -7.43
C GLN B 221 40.00 -37.56 -7.09
N PHE B 222 41.30 -37.62 -6.84
CA PHE B 222 42.09 -36.46 -6.45
C PHE B 222 43.20 -36.22 -7.47
N TYR B 223 43.46 -34.94 -7.76
CA TYR B 223 44.47 -34.53 -8.71
C TYR B 223 45.45 -33.59 -8.04
N GLU B 224 46.74 -33.89 -8.16
CA GLU B 224 47.77 -32.92 -7.79
C GLU B 224 47.86 -31.84 -8.85
N THR B 225 48.10 -30.60 -8.40
CA THR B 225 48.22 -29.47 -9.30
C THR B 225 48.75 -28.27 -8.54
N SER B 226 49.45 -27.40 -9.26
CA SER B 226 49.83 -26.12 -8.68
C SER B 226 48.62 -25.20 -8.61
N SER B 227 48.73 -24.15 -7.80
CA SER B 227 47.63 -23.20 -7.63
C SER B 227 47.17 -22.66 -8.98
N LYS B 228 48.05 -21.93 -9.66
CA LYS B 228 47.81 -21.64 -11.07
C LYS B 228 48.01 -22.93 -11.86
N GLY B 229 47.20 -23.10 -12.90
CA GLY B 229 47.06 -24.38 -13.57
C GLY B 229 45.84 -25.15 -13.15
N LYS B 230 45.22 -24.78 -12.02
CA LYS B 230 43.96 -25.37 -11.62
C LYS B 230 42.87 -25.07 -12.65
N ILE B 231 42.81 -23.84 -13.14
CA ILE B 231 41.83 -23.49 -14.17
C ILE B 231 42.08 -24.26 -15.47
N PRO B 232 43.31 -24.34 -15.99
CA PRO B 232 43.54 -25.22 -17.15
C PRO B 232 43.15 -26.67 -16.89
N LEU B 233 43.58 -27.25 -15.77
CA LEU B 233 43.23 -28.63 -15.46
C LEU B 233 41.72 -28.82 -15.38
N LEU B 234 41.02 -27.82 -14.86
CA LEU B 234 39.56 -27.89 -14.75
C LEU B 234 38.90 -27.85 -16.11
N GLN B 235 39.33 -26.93 -16.98
CA GLN B 235 38.81 -26.89 -18.33
C GLN B 235 39.05 -28.21 -19.06
N ARG B 236 40.24 -28.78 -18.89
CA ARG B 236 40.56 -30.05 -19.55
C ARG B 236 39.70 -31.18 -19.01
N LEU B 237 39.47 -31.22 -17.70
CA LEU B 237 38.63 -32.28 -17.13
C LEU B 237 37.19 -32.14 -17.60
N LEU B 238 36.69 -30.91 -17.71
CA LEU B 238 35.36 -30.70 -18.26
C LEU B 238 35.27 -31.19 -19.70
N SER B 239 36.28 -30.82 -20.52
CA SER B 239 36.33 -31.30 -21.89
C SER B 239 36.35 -32.81 -21.97
N LEU B 240 37.05 -33.46 -21.03
CA LEU B 240 37.16 -34.91 -21.05
C LEU B 240 35.85 -35.57 -20.66
N HIS B 241 35.29 -35.21 -19.51
CA HIS B 241 34.15 -35.93 -18.96
C HIS B 241 32.82 -35.54 -19.59
N GLN B 242 32.71 -34.33 -20.16
CA GLN B 242 31.49 -33.86 -20.79
C GLN B 242 30.25 -34.02 -19.88
N PRO B 243 30.26 -33.41 -18.70
CA PRO B 243 29.16 -33.62 -17.76
C PRO B 243 27.91 -32.83 -18.18
N SER B 244 26.75 -33.43 -17.90
CA SER B 244 25.50 -32.74 -18.17
C SER B 244 25.27 -31.60 -17.18
N SER B 245 25.65 -31.81 -15.92
CA SER B 245 25.56 -30.79 -14.89
C SER B 245 26.73 -30.97 -13.93
N CYS B 246 27.33 -29.85 -13.52
CA CYS B 246 28.53 -29.91 -12.68
C CYS B 246 28.53 -28.73 -11.72
N VAL B 247 29.10 -28.97 -10.53
CA VAL B 247 29.20 -27.97 -9.48
C VAL B 247 30.67 -27.85 -9.08
N VAL B 248 31.20 -26.62 -9.13
CA VAL B 248 32.59 -26.33 -8.81
C VAL B 248 32.61 -25.48 -7.54
N PHE B 249 33.23 -26.01 -6.48
CA PHE B 249 33.27 -25.33 -5.20
C PHE B 249 34.62 -24.63 -5.01
N CYS B 250 34.55 -23.40 -4.51
CA CYS B 250 35.73 -22.61 -4.18
C CYS B 250 35.59 -22.04 -2.77
N ASN B 251 36.71 -21.59 -2.22
CA ASN B 251 36.75 -21.08 -0.85
C ASN B 251 36.63 -19.56 -0.78
N THR B 252 36.54 -18.88 -1.91
CA THR B 252 36.49 -17.42 -1.94
C THR B 252 35.63 -16.98 -3.11
N LYS B 253 34.86 -15.90 -2.90
CA LYS B 253 34.05 -15.35 -3.98
C LYS B 253 34.91 -14.85 -5.14
N LYS B 254 36.10 -14.34 -4.84
CA LYS B 254 37.02 -13.92 -5.89
C LYS B 254 37.38 -15.10 -6.80
N ASP B 255 37.83 -16.20 -6.20
CA ASP B 255 38.15 -17.39 -6.98
C ASP B 255 36.92 -17.91 -7.72
N CYS B 256 35.75 -17.86 -7.06
CA CYS B 256 34.53 -18.34 -7.69
C CYS B 256 34.24 -17.59 -8.99
N GLN B 257 34.21 -16.25 -8.93
CA GLN B 257 33.89 -15.47 -10.11
C GLN B 257 35.00 -15.56 -11.15
N ALA B 258 36.26 -15.62 -10.71
CA ALA B 258 37.36 -15.73 -11.66
C ALA B 258 37.27 -17.04 -12.44
N VAL B 259 37.03 -18.15 -11.74
CA VAL B 259 36.87 -19.44 -12.41
C VAL B 259 35.66 -19.42 -13.33
N CYS B 260 34.56 -18.80 -12.88
CA CYS B 260 33.35 -18.72 -13.71
C CYS B 260 33.64 -18.01 -15.02
N ASP B 261 34.31 -16.86 -14.96
CA ASP B 261 34.59 -16.11 -16.18
C ASP B 261 35.64 -16.79 -17.06
N ALA B 262 36.62 -17.45 -16.45
CA ALA B 262 37.58 -18.23 -17.23
C ALA B 262 36.90 -19.38 -17.95
N LEU B 263 35.88 -19.98 -17.33
CA LEU B 263 35.11 -21.03 -17.99
C LEU B 263 34.27 -20.46 -19.11
N ASN B 264 33.72 -19.25 -18.92
CA ASN B 264 32.84 -18.68 -19.93
C ASN B 264 33.62 -18.22 -21.16
N GLU B 265 34.83 -17.68 -20.97
CA GLU B 265 35.58 -17.20 -22.13
C GLU B 265 36.16 -18.33 -22.97
N VAL B 266 36.18 -19.57 -22.46
CA VAL B 266 36.55 -20.72 -23.27
C VAL B 266 35.33 -21.48 -23.77
N GLY B 267 34.14 -20.89 -23.66
CA GLY B 267 32.95 -21.48 -24.23
C GLY B 267 32.28 -22.55 -23.41
N GLN B 268 32.56 -22.62 -22.11
CA GLN B 268 31.94 -23.59 -21.22
C GLN B 268 30.90 -22.88 -20.37
N SER B 269 29.62 -23.16 -20.63
CA SER B 269 28.50 -22.50 -19.97
C SER B 269 28.60 -22.62 -18.45
N ALA B 270 28.85 -21.49 -17.77
CA ALA B 270 29.06 -21.49 -16.33
C ALA B 270 28.38 -20.28 -15.70
N LEU B 271 27.64 -20.54 -14.63
CA LEU B 271 27.04 -19.50 -13.82
C LEU B 271 27.77 -19.41 -12.48
N SER B 272 27.56 -18.30 -11.77
CA SER B 272 28.20 -18.06 -10.49
C SER B 272 27.13 -17.91 -9.40
N LEU B 273 27.47 -18.37 -8.20
CA LEU B 273 26.58 -18.24 -7.05
C LEU B 273 27.41 -17.89 -5.82
N HIS B 274 27.24 -16.69 -5.30
CA HIS B 274 27.93 -16.27 -4.08
C HIS B 274 27.20 -15.08 -3.48
N GLY B 275 27.54 -14.80 -2.22
CA GLY B 275 26.82 -13.80 -1.44
C GLY B 275 26.89 -12.39 -1.98
N ASP B 276 27.93 -12.09 -2.76
CA ASP B 276 28.03 -10.75 -3.35
C ASP B 276 27.05 -10.50 -4.47
N LEU B 277 26.32 -11.53 -4.91
CA LEU B 277 25.34 -11.35 -5.97
C LEU B 277 24.06 -10.71 -5.43
N GLU B 278 23.34 -10.06 -6.33
CA GLU B 278 21.96 -9.68 -6.06
C GLU B 278 21.13 -10.93 -5.77
N GLN B 279 20.12 -10.79 -4.91
CA GLN B 279 19.36 -11.96 -4.50
C GLN B 279 18.51 -12.52 -5.64
N ARG B 280 17.92 -11.63 -6.44
CA ARG B 280 17.24 -12.07 -7.66
C ARG B 280 18.22 -12.82 -8.57
N ASP B 281 19.46 -12.33 -8.65
CA ASP B 281 20.48 -12.99 -9.46
C ASP B 281 20.77 -14.39 -8.93
N ARG B 282 20.88 -14.53 -7.61
CA ARG B 282 21.16 -15.83 -7.02
C ARG B 282 20.02 -16.81 -7.29
N ASP B 283 18.78 -16.38 -7.08
CA ASP B 283 17.64 -17.25 -7.31
C ASP B 283 17.54 -17.67 -8.78
N GLN B 284 17.73 -16.72 -9.69
CA GLN B 284 17.67 -17.05 -11.12
C GLN B 284 18.82 -17.96 -11.53
N THR B 285 20.01 -17.75 -10.96
CA THR B 285 21.13 -18.64 -11.24
C THR B 285 20.82 -20.07 -10.83
N LEU B 286 20.26 -20.24 -9.63
CA LEU B 286 19.92 -21.59 -9.19
C LEU B 286 18.85 -22.21 -10.09
N VAL B 287 17.83 -21.43 -10.46
CA VAL B 287 16.78 -21.97 -11.34
C VAL B 287 17.37 -22.41 -12.68
N ARG B 288 18.23 -21.56 -13.27
CA ARG B 288 18.80 -21.86 -14.58
C ARG B 288 19.72 -23.07 -14.51
N PHE B 289 20.51 -23.20 -13.44
CA PHE B 289 21.36 -24.38 -13.33
C PHE B 289 20.55 -25.64 -13.08
N ALA B 290 19.43 -25.51 -12.37
CA ALA B 290 18.63 -26.69 -12.06
C ALA B 290 17.88 -27.20 -13.28
N ASN B 291 17.29 -26.30 -14.07
CA ASN B 291 16.50 -26.75 -15.21
C ASN B 291 17.32 -27.05 -16.46
N GLY B 292 18.65 -26.94 -16.38
CA GLY B 292 19.51 -27.29 -17.49
C GLY B 292 19.97 -26.14 -18.36
N SER B 293 19.68 -24.90 -17.98
CA SER B 293 20.08 -23.74 -18.77
C SER B 293 21.57 -23.42 -18.64
N ALA B 294 22.31 -24.18 -17.83
CA ALA B 294 23.75 -24.02 -17.71
C ALA B 294 24.36 -25.37 -17.39
N ARG B 295 25.60 -25.57 -17.83
CA ARG B 295 26.29 -26.83 -17.60
C ARG B 295 27.09 -26.85 -16.30
N VAL B 296 27.66 -25.71 -15.91
CA VAL B 296 28.53 -25.63 -14.74
C VAL B 296 28.05 -24.51 -13.83
N LEU B 297 28.06 -24.78 -12.52
CA LEU B 297 27.75 -23.79 -11.50
C LEU B 297 28.96 -23.66 -10.58
N VAL B 298 29.61 -22.51 -10.61
CA VAL B 298 30.71 -22.21 -9.70
C VAL B 298 30.11 -21.49 -8.49
N ALA B 299 30.33 -22.05 -7.30
CA ALA B 299 29.70 -21.52 -6.10
C ALA B 299 30.67 -21.55 -4.94
N THR B 300 30.37 -20.74 -3.94
CA THR B 300 31.06 -20.79 -2.66
C THR B 300 30.35 -21.82 -1.77
N ASP B 301 30.70 -21.86 -0.49
CA ASP B 301 30.01 -22.78 0.42
C ASP B 301 28.57 -22.36 0.70
N VAL B 302 28.07 -21.29 0.08
CA VAL B 302 26.66 -20.97 0.14
C VAL B 302 25.82 -22.05 -0.53
N ALA B 303 26.44 -22.88 -1.37
CA ALA B 303 25.77 -23.97 -2.05
C ALA B 303 26.22 -25.34 -1.56
N ALA B 304 26.98 -25.39 -0.46
CA ALA B 304 27.55 -26.65 -0.01
C ALA B 304 26.55 -27.53 0.73
N ARG B 305 25.55 -26.94 1.38
CA ARG B 305 24.67 -27.65 2.29
C ARG B 305 23.24 -27.64 1.78
N GLY B 306 22.61 -28.82 1.76
CA GLY B 306 21.17 -28.89 1.69
C GLY B 306 20.57 -28.91 0.31
N LEU B 307 21.14 -28.15 -0.62
CA LEU B 307 20.53 -27.97 -1.94
C LEU B 307 20.40 -29.30 -2.67
N ASP B 308 19.25 -29.51 -3.30
CA ASP B 308 18.90 -30.77 -3.93
C ASP B 308 18.74 -30.56 -5.44
N ILE B 309 19.87 -30.54 -6.15
CA ILE B 309 19.87 -30.55 -7.60
C ILE B 309 19.75 -31.99 -8.06
N LYS B 310 18.70 -32.29 -8.82
CA LYS B 310 18.38 -33.66 -9.18
C LYS B 310 19.33 -34.19 -10.23
N SER B 311 19.85 -35.40 -9.99
CA SER B 311 20.74 -36.10 -10.92
C SER B 311 21.93 -35.23 -11.33
N LEU B 312 22.47 -34.48 -10.37
CA LEU B 312 23.72 -33.78 -10.59
C LEU B 312 24.83 -34.80 -10.86
N GLU B 313 25.59 -34.56 -11.91
CA GLU B 313 26.51 -35.59 -12.39
C GLU B 313 27.91 -35.48 -11.77
N LEU B 314 28.40 -34.26 -11.53
CA LEU B 314 29.81 -34.11 -11.17
C LEU B 314 29.97 -32.95 -10.20
N VAL B 315 30.76 -33.18 -9.15
CA VAL B 315 31.22 -32.13 -8.24
C VAL B 315 32.73 -32.09 -8.32
N VAL B 316 33.30 -30.88 -8.31
CA VAL B 316 34.74 -30.72 -8.19
C VAL B 316 35.04 -29.70 -7.11
N ASN B 317 36.06 -29.99 -6.32
CA ASN B 317 36.60 -29.09 -5.30
C ASN B 317 37.81 -28.40 -5.91
N PHE B 318 37.58 -27.20 -6.46
CA PHE B 318 38.67 -26.38 -6.97
C PHE B 318 39.73 -26.18 -5.90
N GLU B 319 39.31 -25.94 -4.67
CA GLU B 319 40.17 -25.97 -3.50
C GLU B 319 39.47 -26.76 -2.41
N LEU B 320 40.22 -27.54 -1.66
CA LEU B 320 39.63 -28.33 -0.58
C LEU B 320 39.08 -27.40 0.50
N ALA B 321 37.90 -27.75 1.01
CA ALA B 321 37.27 -26.94 2.05
C ALA B 321 38.15 -26.89 3.29
N TRP B 322 38.01 -25.81 4.07
CA TRP B 322 38.76 -25.69 5.31
C TRP B 322 38.41 -26.82 6.27
N ASP B 323 37.14 -27.25 6.27
CA ASP B 323 36.66 -28.26 7.19
C ASP B 323 36.25 -29.52 6.45
N PRO B 324 36.64 -30.69 6.95
CA PRO B 324 36.21 -31.94 6.29
C PRO B 324 34.70 -32.11 6.29
N GLU B 325 34.02 -31.68 7.35
CA GLU B 325 32.56 -31.68 7.37
C GLU B 325 32.00 -30.90 6.19
N VAL B 326 32.63 -29.77 5.86
CA VAL B 326 32.21 -29.02 4.68
C VAL B 326 32.56 -29.79 3.41
N HIS B 327 33.65 -30.58 3.44
CA HIS B 327 33.99 -31.37 2.26
C HIS B 327 32.91 -32.40 1.94
N VAL B 328 32.42 -33.11 2.96
CA VAL B 328 31.42 -34.14 2.70
C VAL B 328 30.08 -33.53 2.28
N HIS B 329 29.77 -32.32 2.76
CA HIS B 329 28.56 -31.65 2.32
C HIS B 329 28.63 -31.29 0.84
N ARG B 330 29.80 -30.88 0.37
CA ARG B 330 29.97 -30.51 -1.03
C ARG B 330 29.73 -31.71 -1.94
N ILE B 331 30.51 -32.78 -1.76
CA ILE B 331 30.36 -33.96 -2.61
C ILE B 331 28.97 -34.55 -2.47
N GLY B 332 28.35 -34.39 -1.30
CA GLY B 332 26.98 -34.84 -1.09
C GLY B 332 25.97 -34.19 -2.01
N ARG B 333 26.35 -33.13 -2.72
CA ARG B 333 25.44 -32.55 -3.71
C ARG B 333 25.16 -33.53 -4.84
N THR B 334 26.05 -34.48 -5.08
CA THR B 334 25.81 -35.54 -6.04
C THR B 334 25.51 -36.84 -5.31
N ALA B 335 25.07 -37.84 -6.08
CA ALA B 335 24.68 -39.15 -5.55
C ALA B 335 23.59 -38.98 -4.49
N ARG B 336 22.48 -38.38 -4.91
CA ARG B 336 21.35 -38.12 -4.02
C ARG B 336 20.17 -39.00 -4.37
N ALA B 337 19.38 -39.34 -3.35
CA ALA B 337 18.14 -40.10 -3.51
C ALA B 337 18.38 -41.45 -4.19
N GLY B 338 19.57 -42.02 -4.04
CA GLY B 338 19.90 -43.30 -4.60
C GLY B 338 20.82 -43.25 -5.80
N ASN B 339 21.04 -42.08 -6.39
CA ASN B 339 21.94 -41.99 -7.52
C ASN B 339 23.39 -42.17 -7.08
N SER B 340 24.26 -42.39 -8.06
CA SER B 340 25.70 -42.36 -7.87
C SER B 340 26.22 -41.01 -8.32
N GLY B 341 27.53 -40.80 -8.15
CA GLY B 341 28.10 -39.52 -8.55
C GLY B 341 29.60 -39.61 -8.70
N LEU B 342 30.18 -38.47 -9.10
CA LEU B 342 31.62 -38.33 -9.23
C LEU B 342 32.04 -37.06 -8.52
N ALA B 343 33.10 -37.14 -7.73
CA ALA B 343 33.64 -36.00 -6.99
C ALA B 343 35.14 -35.93 -7.22
N ILE B 344 35.56 -34.96 -8.01
CA ILE B 344 36.98 -34.70 -8.30
C ILE B 344 37.44 -33.57 -7.40
N SER B 345 38.66 -33.68 -6.88
CA SER B 345 39.20 -32.68 -5.97
C SER B 345 40.61 -32.32 -6.37
N PHE B 346 40.93 -31.03 -6.42
CA PHE B 346 42.29 -30.58 -6.69
C PHE B 346 43.05 -30.43 -5.39
N CYS B 347 44.35 -30.71 -5.45
CA CYS B 347 45.20 -30.65 -4.27
C CYS B 347 46.51 -29.95 -4.63
N ALA B 348 46.65 -28.71 -4.18
CA ALA B 348 47.90 -27.98 -4.24
C ALA B 348 48.80 -28.41 -3.09
N PRO B 349 50.09 -28.03 -3.10
CA PRO B 349 50.98 -28.46 -2.00
C PRO B 349 50.51 -28.04 -0.61
N GLU B 350 49.87 -26.89 -0.47
CA GLU B 350 49.51 -26.39 0.86
C GLU B 350 48.21 -26.98 1.41
N GLU B 351 47.41 -27.64 0.58
CA GLU B 351 46.16 -28.26 1.00
C GLU B 351 46.28 -29.77 1.18
N ALA B 352 47.51 -30.29 1.17
CA ALA B 352 47.73 -31.73 1.34
C ALA B 352 47.24 -32.22 2.69
N GLN B 353 47.43 -31.42 3.75
CA GLN B 353 46.96 -31.84 5.06
C GLN B 353 45.44 -31.85 5.13
N ARG B 354 44.78 -30.97 4.37
CA ARG B 354 43.32 -31.05 4.27
C ARG B 354 42.91 -32.36 3.60
N ALA B 355 43.60 -32.74 2.53
CA ALA B 355 43.35 -34.03 1.90
C ALA B 355 43.55 -35.18 2.90
N ASN B 356 44.60 -35.09 3.70
CA ASN B 356 44.90 -36.16 4.67
C ASN B 356 43.83 -36.26 5.75
N ILE B 357 43.35 -35.12 6.24
CA ILE B 357 42.30 -35.14 7.26
C ILE B 357 41.01 -35.70 6.67
N ILE B 358 40.73 -35.38 5.39
CA ILE B 358 39.60 -36.01 4.71
C ILE B 358 39.76 -37.52 4.67
N SER B 359 40.97 -37.99 4.31
CA SER B 359 41.21 -39.42 4.22
C SER B 359 41.00 -40.10 5.57
N ASP B 360 41.45 -39.47 6.65
CA ASP B 360 41.28 -40.06 7.97
C ASP B 360 39.82 -40.08 8.40
N MET B 361 39.09 -38.99 8.14
CA MET B 361 37.70 -38.94 8.55
C MET B 361 36.86 -39.95 7.77
N LEU B 362 37.08 -40.05 6.46
CA LEU B 362 36.30 -40.97 5.63
C LEU B 362 36.87 -42.38 5.60
N GLN B 363 38.05 -42.59 6.17
CA GLN B 363 38.67 -43.92 6.25
C GLN B 363 38.80 -44.54 4.86
N ILE B 364 39.08 -43.70 3.86
CA ILE B 364 39.31 -44.15 2.50
C ILE B 364 40.69 -43.66 2.05
N LYS B 365 41.38 -44.51 1.30
CA LYS B 365 42.65 -44.12 0.70
C LYS B 365 42.37 -43.37 -0.59
N LEU B 366 43.04 -42.23 -0.78
CA LEU B 366 42.77 -41.38 -1.93
C LEU B 366 43.15 -42.08 -3.23
N ASN B 367 42.33 -41.87 -4.26
CA ASN B 367 42.59 -42.43 -5.59
C ASN B 367 43.10 -41.29 -6.46
N TRP B 368 44.43 -41.14 -6.49
CA TRP B 368 45.04 -40.06 -7.25
C TRP B 368 45.05 -40.40 -8.74
N GLN B 369 44.69 -39.41 -9.56
CA GLN B 369 44.60 -39.57 -11.00
C GLN B 369 45.65 -38.73 -11.70
N THR B 370 46.06 -39.19 -12.89
CA THR B 370 47.00 -38.47 -13.73
C THR B 370 46.25 -37.53 -14.68
N PRO B 371 46.86 -36.40 -15.03
CA PRO B 371 46.19 -35.44 -15.93
C PRO B 371 46.02 -36.03 -17.32
N PRO B 372 44.83 -35.86 -17.92
CA PRO B 372 44.55 -36.54 -19.20
C PRO B 372 45.35 -36.02 -20.38
N ALA B 373 45.06 -34.80 -20.84
CA ALA B 373 45.76 -34.21 -21.96
C ALA B 373 45.74 -32.69 -21.79
N ASN B 374 46.25 -31.99 -22.80
CA ASN B 374 46.36 -30.53 -22.74
C ASN B 374 46.14 -29.93 -24.13
N SER B 375 45.07 -30.36 -24.81
CA SER B 375 44.82 -29.91 -26.17
C SER B 375 43.33 -29.82 -26.41
N SER B 376 42.94 -28.84 -27.23
CA SER B 376 41.57 -28.68 -27.72
C SER B 376 40.57 -28.55 -26.59
N ILE B 377 40.34 -27.33 -26.12
CA ILE B 377 39.32 -27.07 -25.11
C ILE B 377 37.95 -27.33 -25.75
N ALA B 378 37.29 -28.39 -25.33
CA ALA B 378 36.03 -28.79 -25.95
C ALA B 378 34.87 -27.95 -25.42
N THR B 379 33.86 -27.78 -26.27
CA THR B 379 32.70 -26.98 -25.89
C THR B 379 31.77 -27.76 -24.96
N LEU B 380 31.02 -27.01 -24.15
CA LEU B 380 29.99 -27.57 -23.28
C LEU B 380 28.77 -26.66 -23.39
N GLU B 381 27.94 -26.93 -24.40
CA GLU B 381 26.77 -26.09 -24.64
C GLU B 381 25.64 -26.51 -23.73
N ALA B 382 24.85 -25.52 -23.29
CA ALA B 382 23.68 -25.79 -22.47
C ALA B 382 22.52 -26.24 -23.35
N GLU B 383 21.80 -27.28 -22.89
CA GLU B 383 20.73 -27.83 -23.70
C GLU B 383 19.48 -26.96 -23.69
N MET B 384 19.24 -26.23 -22.60
CA MET B 384 18.01 -25.50 -22.40
C MET B 384 18.27 -23.99 -22.34
N ALA B 385 17.18 -23.24 -22.24
CA ALA B 385 17.20 -21.80 -22.03
C ALA B 385 16.00 -21.42 -21.19
N THR B 386 16.20 -20.51 -20.25
CA THR B 386 15.18 -20.16 -19.27
C THR B 386 14.47 -18.87 -19.67
N LEU B 387 13.14 -18.92 -19.68
CA LEU B 387 12.30 -17.74 -19.84
C LEU B 387 11.63 -17.41 -18.51
N CYS B 388 11.45 -16.12 -18.27
CA CYS B 388 10.85 -15.61 -17.04
C CYS B 388 9.52 -14.94 -17.39
N ILE B 389 8.42 -15.52 -16.91
CA ILE B 389 7.10 -14.92 -17.03
C ILE B 389 6.84 -14.12 -15.76
N ASP B 390 6.38 -12.88 -15.93
CA ASP B 390 5.95 -12.10 -14.78
C ASP B 390 4.59 -12.58 -14.32
N GLY B 391 4.46 -12.85 -13.02
CA GLY B 391 3.21 -13.33 -12.47
C GLY B 391 3.35 -14.15 -11.22
N GLY B 392 3.78 -15.41 -11.36
CA GLY B 392 4.03 -16.23 -10.20
C GLY B 392 2.76 -16.63 -9.44
N LYS B 393 2.96 -16.93 -8.15
CA LYS B 393 1.84 -17.34 -7.32
C LYS B 393 0.88 -16.18 -7.03
N LYS B 394 1.38 -14.94 -7.03
CA LYS B 394 0.50 -13.80 -6.82
C LYS B 394 -0.40 -13.52 -8.02
N ALA B 395 -0.07 -14.08 -9.19
CA ALA B 395 -0.95 -14.04 -10.35
C ALA B 395 -1.72 -15.32 -10.53
N LYS B 396 -1.69 -16.21 -9.53
CA LYS B 396 -2.50 -17.44 -9.52
C LYS B 396 -2.16 -18.35 -10.69
N MET B 397 -0.88 -18.46 -11.01
CA MET B 397 -0.42 -19.29 -12.13
C MET B 397 0.03 -20.64 -11.60
N ARG B 398 -0.88 -21.61 -11.63
CA ARG B 398 -0.50 -22.99 -11.40
C ARG B 398 0.32 -23.50 -12.58
N PRO B 399 1.17 -24.51 -12.38
CA PRO B 399 1.99 -24.98 -13.51
C PRO B 399 1.17 -25.35 -14.73
N GLY B 400 0.06 -26.08 -14.54
CA GLY B 400 -0.77 -26.48 -15.67
C GLY B 400 -1.21 -25.33 -16.56
N ASP B 401 -1.40 -24.14 -15.97
CA ASP B 401 -1.79 -22.97 -16.76
C ASP B 401 -0.69 -22.59 -17.74
N VAL B 402 0.52 -22.34 -17.22
CA VAL B 402 1.66 -22.03 -18.08
C VAL B 402 1.84 -23.11 -19.13
N LEU B 403 1.67 -24.37 -18.75
CA LEU B 403 1.86 -25.45 -19.70
C LEU B 403 0.87 -25.40 -20.83
N GLY B 414 5.18 -30.87 -26.62
CA GLY B 414 5.54 -31.37 -25.32
C GLY B 414 6.94 -31.93 -25.30
N ALA B 415 7.56 -31.93 -24.11
CA ALA B 415 8.94 -32.33 -23.85
C ALA B 415 9.96 -31.39 -24.48
N ASP B 416 9.53 -30.39 -25.24
CA ASP B 416 10.40 -29.28 -25.59
C ASP B 416 10.51 -28.26 -24.46
N ILE B 417 9.83 -28.52 -23.34
CA ILE B 417 9.86 -27.66 -22.16
C ILE B 417 10.16 -28.54 -20.96
N GLY B 418 11.16 -28.15 -20.17
CA GLY B 418 11.60 -28.97 -19.07
C GLY B 418 10.93 -28.65 -17.76
N LYS B 419 11.73 -28.20 -16.80
CA LYS B 419 11.22 -27.86 -15.48
C LYS B 419 10.40 -26.57 -15.52
N ILE B 420 9.40 -26.51 -14.65
CA ILE B 420 8.62 -25.29 -14.43
C ILE B 420 8.73 -24.93 -12.96
N ALA B 421 9.17 -23.71 -12.68
CA ALA B 421 9.39 -23.24 -11.31
C ALA B 421 8.45 -22.07 -11.07
N VAL B 422 7.43 -22.29 -10.25
CA VAL B 422 6.43 -21.26 -9.95
C VAL B 422 6.87 -20.56 -8.66
N HIS B 423 7.39 -19.36 -8.81
CA HIS B 423 7.87 -18.57 -7.68
C HIS B 423 6.77 -17.63 -7.20
N PRO B 424 6.98 -16.91 -6.09
CA PRO B 424 5.95 -15.97 -5.65
C PRO B 424 5.61 -14.89 -6.66
N ALA B 425 6.62 -14.28 -7.30
CA ALA B 425 6.39 -13.16 -8.20
C ALA B 425 6.61 -13.50 -9.67
N HIS B 426 7.20 -14.64 -9.99
CA HIS B 426 7.50 -14.99 -11.37
C HIS B 426 7.30 -16.48 -11.59
N VAL B 427 7.38 -16.89 -12.85
CA VAL B 427 7.36 -18.29 -13.25
C VAL B 427 8.48 -18.52 -14.25
N TYR B 428 9.40 -19.43 -13.93
CA TYR B 428 10.51 -19.74 -14.81
C TYR B 428 10.23 -21.05 -15.55
N VAL B 429 10.53 -21.05 -16.85
CA VAL B 429 10.33 -22.24 -17.67
C VAL B 429 11.58 -22.48 -18.51
N ALA B 430 12.00 -23.73 -18.62
CA ALA B 430 13.12 -24.13 -19.46
C ALA B 430 12.60 -24.70 -20.77
N VAL B 431 13.12 -24.18 -21.89
CA VAL B 431 12.76 -24.66 -23.22
C VAL B 431 14.03 -25.16 -23.91
N ARG B 432 13.84 -25.94 -24.96
CA ARG B 432 14.96 -26.47 -25.72
C ARG B 432 15.68 -25.35 -26.46
N GLN B 433 16.98 -25.56 -26.71
CA GLN B 433 17.79 -24.58 -27.42
C GLN B 433 17.38 -24.48 -28.89
N ALA B 439 9.73 -19.08 -28.70
CA ALA B 439 8.92 -19.02 -27.50
C ALA B 439 8.79 -17.59 -26.97
N TRP B 440 9.93 -16.88 -26.90
CA TRP B 440 9.92 -15.54 -26.32
C TRP B 440 9.02 -14.60 -27.10
N LYS B 441 9.30 -14.40 -28.39
CA LYS B 441 8.54 -13.44 -29.17
C LYS B 441 7.08 -13.86 -29.35
N GLN B 442 6.82 -15.17 -29.46
CA GLN B 442 5.44 -15.62 -29.63
C GLN B 442 4.66 -15.47 -28.33
N LEU B 443 5.31 -15.57 -27.19
CA LEU B 443 4.63 -15.35 -25.91
C LEU B 443 4.40 -13.86 -25.68
N GLN B 444 5.39 -13.03 -26.02
CA GLN B 444 5.29 -11.58 -25.91
C GLN B 444 4.15 -11.03 -26.78
N ILE B 448 -1.42 -16.07 -21.62
CA ILE B 448 -1.42 -17.14 -20.63
C ILE B 448 -2.55 -16.92 -19.62
N LYS B 449 -3.46 -17.90 -19.53
CA LYS B 449 -4.57 -17.85 -18.59
C LYS B 449 -5.49 -16.66 -18.88
N GLY B 450 -5.64 -16.32 -20.15
CA GLY B 450 -6.48 -15.20 -20.55
C GLY B 450 -5.73 -13.88 -20.59
N LYS B 451 -5.17 -13.47 -19.46
CA LYS B 451 -4.42 -12.23 -19.40
C LYS B 451 -3.07 -12.39 -20.10
N THR B 452 -2.65 -11.34 -20.80
CA THR B 452 -1.32 -11.32 -21.42
C THR B 452 -0.29 -10.85 -20.40
N CYS B 453 0.93 -11.35 -20.54
CA CYS B 453 1.95 -11.14 -19.53
C CYS B 453 3.29 -10.82 -20.17
N ARG B 454 4.15 -10.18 -19.38
CA ARG B 454 5.51 -9.86 -19.82
C ARG B 454 6.40 -11.08 -19.73
N VAL B 455 7.24 -11.28 -20.75
CA VAL B 455 8.12 -12.43 -20.85
C VAL B 455 9.53 -11.94 -21.16
N ARG B 456 10.50 -12.37 -20.38
CA ARG B 456 11.90 -12.03 -20.60
C ARG B 456 12.73 -13.27 -20.86
N LEU B 457 13.78 -13.10 -21.67
CA LEU B 457 14.76 -14.14 -21.93
C LEU B 457 15.97 -13.91 -21.04
N LEU B 458 16.34 -14.93 -20.27
CA LEU B 458 17.47 -14.82 -19.37
C LEU B 458 18.80 -14.88 -20.14
#